data_7AYX
#
_entry.id   7AYX
#
_cell.length_a   149.263
_cell.length_b   149.263
_cell.length_c   107.188
_cell.angle_alpha   90.000
_cell.angle_beta   90.000
_cell.angle_gamma   120.000
#
_symmetry.space_group_name_H-M   'P 3 2 1'
#
loop_
_entity.id
_entity.type
_entity.pdbx_description
1 polymer 'Cytochrome P450 113A1'
2 non-polymer 'PROTOPORPHYRIN IX CONTAINING FE'
3 non-polymer 'SULFATE ION'
4 water water
#
_entity_poly.entity_id   1
_entity_poly.type   'polypeptide(L)'
_entity_poly.pdbx_seq_one_letter_code
;GGSLNDLSALTRLPFDRRIEEFFMYLGGRRGTEAVGESREPGVWEVFRYDEAVQVLGDHRTFSSDMNHFIPEEQRQLARA
ARGNFVGIDPPDHTQLRGLVSQAFSPRVTAALEPRIGRLAEQLLDDIVAERGDKASCDLVGEFAGPLSAIVIAELFGIPE
SDHTMIAEWAKALLGSRPAGELSIADEAAMQNTADLVRRAGEYLVHHITERRARPQDDLTSRLATTEVDGKRLDDEEIVG
VIGMFLIAGYLPASVLTANTVMALDEHPAALAEVRSDPALLPGAIEEVLRWRPPLVRDQRLTTRDADLGGRTVPAGSMVC
VWLASAHRDPFRFENPDLFDIHRNAGRHLAFGKGIHYCLGAPLARLEARIAVETLLRRFERIEIPRDESVEFHESIGVLG
PVRLPTTLFARR
;
_entity_poly.pdbx_strand_id   A,B
#
# COMPACT_ATOMS: atom_id res chain seq x y z
N ASN A 5 -26.14 -21.26 -6.43
CA ASN A 5 -25.70 -20.14 -5.55
C ASN A 5 -26.69 -19.98 -4.39
N ASP A 6 -28.00 -20.00 -4.68
CA ASP A 6 -29.04 -19.89 -3.62
C ASP A 6 -28.78 -18.65 -2.76
N LEU A 7 -28.57 -17.49 -3.38
CA LEU A 7 -28.28 -16.24 -2.65
C LEU A 7 -29.47 -15.87 -1.75
N SER A 8 -30.70 -16.12 -2.20
CA SER A 8 -31.90 -15.78 -1.41
C SER A 8 -31.88 -16.54 -0.08
N ALA A 9 -31.42 -17.79 -0.09
CA ALA A 9 -31.32 -18.60 1.14
C ALA A 9 -30.37 -17.93 2.14
N LEU A 10 -29.28 -17.32 1.65
CA LEU A 10 -28.26 -16.72 2.55
C LEU A 10 -28.92 -15.63 3.40
N THR A 11 -29.81 -14.82 2.80
CA THR A 11 -30.44 -13.69 3.52
C THR A 11 -31.29 -14.20 4.70
N ARG A 12 -31.54 -15.51 4.77
CA ARG A 12 -32.33 -16.09 5.85
C ARG A 12 -31.50 -16.77 6.93
N LEU A 13 -30.22 -17.06 6.65
CA LEU A 13 -29.31 -17.66 7.62
C LEU A 13 -29.03 -16.72 8.78
N PRO A 14 -28.60 -17.22 9.97
CA PRO A 14 -28.15 -16.34 11.04
C PRO A 14 -26.99 -15.48 10.53
N PHE A 15 -26.92 -14.22 10.98
CA PHE A 15 -26.00 -13.22 10.42
C PHE A 15 -24.56 -13.72 10.34
N ASP A 16 -24.08 -14.39 11.40
CA ASP A 16 -22.69 -14.87 11.46
C ASP A 16 -22.35 -15.84 10.32
N ARG A 17 -23.27 -16.76 10.03
CA ARG A 17 -23.11 -17.74 8.96
C ARG A 17 -23.50 -17.21 7.57
N ARG A 18 -24.32 -16.15 7.56
CA ARG A 18 -24.63 -15.42 6.33
C ARG A 18 -23.37 -14.77 5.78
N ILE A 19 -22.64 -14.07 6.67
CA ILE A 19 -21.37 -13.43 6.34
C ILE A 19 -20.40 -14.49 5.79
N GLU A 20 -20.25 -15.59 6.54
CA GLU A 20 -19.41 -16.73 6.17
C GLU A 20 -19.65 -17.22 4.75
N GLU A 21 -20.87 -17.71 4.51
CA GLU A 21 -21.20 -18.36 3.25
C GLU A 21 -21.34 -17.37 2.09
N PHE A 22 -21.60 -16.11 2.42
CA PHE A 22 -21.60 -15.02 1.44
C PHE A 22 -20.19 -14.85 0.87
N PHE A 23 -19.19 -14.73 1.74
CA PHE A 23 -17.79 -14.54 1.34
C PHE A 23 -17.15 -15.81 0.79
N MET A 24 -17.61 -16.99 1.27
CA MET A 24 -17.24 -18.26 0.65
C MET A 24 -17.73 -18.30 -0.78
N TYR A 25 -18.99 -17.92 -1.01
CA TYR A 25 -19.58 -17.89 -2.35
C TYR A 25 -18.72 -17.04 -3.29
N LEU A 26 -18.45 -15.79 -2.87
CA LEU A 26 -17.67 -14.83 -3.65
C LEU A 26 -16.23 -15.30 -3.87
N GLY A 27 -15.62 -15.83 -2.80
CA GLY A 27 -14.27 -16.38 -2.84
C GLY A 27 -14.08 -17.45 -3.91
N GLY A 28 -14.98 -18.44 -3.91
CA GLY A 28 -14.95 -19.56 -4.85
C GLY A 28 -14.96 -19.11 -6.29
N ARG A 29 -15.89 -18.22 -6.63
CA ARG A 29 -16.03 -17.71 -7.98
C ARG A 29 -14.88 -16.77 -8.36
N ARG A 30 -14.51 -15.87 -7.44
CA ARG A 30 -13.40 -14.94 -7.66
C ARG A 30 -12.10 -15.69 -7.93
N GLY A 31 -11.89 -16.78 -7.19
CA GLY A 31 -10.73 -17.65 -7.34
C GLY A 31 -10.53 -18.11 -8.77
N THR A 32 -11.62 -18.46 -9.45
CA THR A 32 -11.58 -19.03 -10.80
C THR A 32 -11.69 -17.98 -11.91
N GLU A 33 -12.54 -16.98 -11.70
CA GLU A 33 -12.94 -16.04 -12.75
C GLU A 33 -13.09 -14.60 -12.23
N ALA A 34 -12.69 -13.63 -13.07
CA ALA A 34 -12.86 -12.22 -12.78
C ALA A 34 -14.32 -11.81 -12.97
N VAL A 35 -14.92 -12.35 -14.04
CA VAL A 35 -16.30 -12.09 -14.44
C VAL A 35 -16.98 -13.43 -14.69
N GLY A 36 -18.30 -13.47 -14.50
CA GLY A 36 -19.08 -14.65 -14.78
C GLY A 36 -20.56 -14.37 -14.90
N GLU A 37 -21.31 -15.37 -15.40
CA GLU A 37 -22.75 -15.31 -15.50
C GLU A 37 -23.32 -15.86 -14.20
N SER A 38 -24.57 -15.46 -13.91
CA SER A 38 -25.26 -15.92 -12.69
C SER A 38 -26.39 -16.89 -13.07
N ARG A 39 -27.09 -17.44 -12.09
CA ARG A 39 -28.26 -18.31 -12.38
C ARG A 39 -29.33 -17.45 -13.04
N GLU A 40 -29.50 -16.21 -12.60
CA GLU A 40 -30.47 -15.27 -13.23
C GLU A 40 -30.24 -15.31 -14.74
N PRO A 41 -31.25 -15.10 -15.63
CA PRO A 41 -31.04 -15.36 -17.05
C PRO A 41 -30.02 -14.45 -17.75
N GLY A 42 -30.26 -13.13 -17.70
CA GLY A 42 -29.45 -12.15 -18.42
C GLY A 42 -28.67 -11.22 -17.51
N VAL A 43 -28.02 -11.78 -16.48
CA VAL A 43 -27.26 -11.01 -15.51
C VAL A 43 -25.86 -11.61 -15.29
N TRP A 44 -24.86 -10.72 -15.27
CA TRP A 44 -23.47 -11.07 -15.02
C TRP A 44 -23.02 -10.50 -13.68
N GLU A 45 -22.06 -11.19 -13.05
CA GLU A 45 -21.46 -10.79 -11.79
C GLU A 45 -19.98 -10.47 -12.01
N VAL A 46 -19.48 -9.47 -11.28
CA VAL A 46 -18.07 -9.11 -11.27
C VAL A 46 -17.48 -9.36 -9.88
N PHE A 47 -16.34 -10.05 -9.84
CA PHE A 47 -15.74 -10.54 -8.60
C PHE A 47 -14.38 -9.94 -8.24
N ARG A 48 -13.66 -9.45 -9.27
CA ARG A 48 -12.32 -8.92 -9.08
C ARG A 48 -12.24 -7.41 -9.18
N TYR A 49 -11.22 -6.85 -8.52
CA TYR A 49 -11.05 -5.42 -8.33
C TYR A 49 -10.95 -4.62 -9.63
N ASP A 50 -9.95 -4.96 -10.45
CA ASP A 50 -9.67 -4.22 -11.69
C ASP A 50 -10.91 -4.13 -12.57
N GLU A 51 -11.67 -5.23 -12.65
CA GLU A 51 -12.86 -5.30 -13.50
C GLU A 51 -14.02 -4.51 -12.90
N ALA A 52 -14.14 -4.54 -11.56
CA ALA A 52 -15.08 -3.69 -10.86
C ALA A 52 -14.78 -2.23 -11.17
N VAL A 53 -13.51 -1.84 -10.99
CA VAL A 53 -13.05 -0.49 -11.32
C VAL A 53 -13.38 -0.12 -12.77
N GLN A 54 -13.07 -1.02 -13.70
CA GLN A 54 -13.29 -0.80 -15.11
C GLN A 54 -14.75 -0.50 -15.39
N VAL A 55 -15.62 -1.30 -14.76
CA VAL A 55 -17.06 -1.20 -14.93
C VAL A 55 -17.60 0.15 -14.46
N LEU A 56 -17.22 0.56 -13.24
CA LEU A 56 -17.66 1.83 -12.66
C LEU A 56 -17.12 3.03 -13.44
N GLY A 57 -15.88 2.91 -13.93
CA GLY A 57 -15.22 3.96 -14.67
C GLY A 57 -15.86 4.22 -16.02
N ASP A 58 -16.23 3.13 -16.71
CA ASP A 58 -16.73 3.18 -18.08
C ASP A 58 -18.25 3.29 -18.07
N HIS A 59 -18.73 4.47 -17.67
CA HIS A 59 -20.17 4.75 -17.59
C HIS A 59 -20.85 4.77 -18.97
N ARG A 60 -20.07 4.98 -20.03
CA ARG A 60 -20.57 4.89 -21.40
C ARG A 60 -21.10 3.49 -21.69
N THR A 61 -20.26 2.48 -21.45
CA THR A 61 -20.59 1.08 -21.71
C THR A 61 -21.52 0.50 -20.67
N PHE A 62 -21.25 0.80 -19.38
CA PHE A 62 -22.02 0.30 -18.25
C PHE A 62 -22.85 1.44 -17.63
N SER A 63 -24.13 1.52 -18.04
CA SER A 63 -25.01 2.62 -17.65
C SER A 63 -25.59 2.45 -16.26
N SER A 64 -25.99 3.58 -15.66
CA SER A 64 -26.68 3.63 -14.37
C SER A 64 -28.19 3.79 -14.56
N ASP A 65 -28.59 4.10 -15.81
CA ASP A 65 -29.98 4.27 -16.21
C ASP A 65 -30.53 2.92 -16.68
N MET A 66 -31.28 2.26 -15.79
CA MET A 66 -31.82 0.91 -16.03
C MET A 66 -32.87 0.85 -17.14
N ASN A 67 -33.40 2.02 -17.52
CA ASN A 67 -34.32 2.15 -18.64
C ASN A 67 -33.63 2.81 -19.83
N HIS A 68 -32.41 2.33 -20.15
CA HIS A 68 -31.63 2.84 -21.27
C HIS A 68 -32.26 2.47 -22.61
N PHE A 69 -32.80 1.25 -22.70
CA PHE A 69 -33.29 0.67 -23.95
C PHE A 69 -34.78 0.94 -24.21
N ILE A 70 -35.54 1.20 -23.14
CA ILE A 70 -36.94 1.63 -23.23
C ILE A 70 -37.08 2.74 -24.26
N PRO A 71 -37.96 2.59 -25.28
CA PRO A 71 -38.14 3.62 -26.31
C PRO A 71 -38.46 5.02 -25.76
N GLU A 72 -37.94 6.06 -26.41
CA GLU A 72 -38.16 7.46 -26.02
C GLU A 72 -39.64 7.84 -25.90
N GLU A 73 -40.50 7.15 -26.65
CA GLU A 73 -41.96 7.31 -26.59
C GLU A 73 -42.56 6.77 -25.27
N GLN A 74 -42.05 5.63 -24.80
CA GLN A 74 -42.56 5.04 -23.52
C GLN A 74 -41.60 5.38 -22.38
N ARG A 75 -40.86 6.48 -22.49
CA ARG A 75 -39.83 6.84 -21.47
C ARG A 75 -40.38 7.77 -20.39
N GLN A 76 -41.59 8.30 -20.54
CA GLN A 76 -42.08 9.32 -19.56
C GLN A 76 -42.16 8.78 -18.13
N LEU A 77 -42.71 7.58 -17.95
CA LEU A 77 -42.89 7.04 -16.57
C LEU A 77 -41.67 6.20 -16.19
N ALA A 78 -40.76 5.95 -17.13
CA ALA A 78 -39.52 5.21 -16.82
C ALA A 78 -38.41 6.22 -16.49
N ARG A 79 -38.66 7.51 -16.76
CA ARG A 79 -37.65 8.57 -16.51
C ARG A 79 -37.45 8.75 -15.01
N ALA A 80 -36.23 9.11 -14.59
CA ALA A 80 -35.96 9.36 -13.15
C ALA A 80 -36.65 10.66 -12.72
N ALA A 81 -37.02 10.75 -11.43
CA ALA A 81 -37.74 11.94 -10.91
C ALA A 81 -36.86 13.18 -10.93
N ARG A 82 -37.47 14.36 -11.09
CA ARG A 82 -36.71 15.64 -11.13
C ARG A 82 -35.82 15.78 -9.90
N GLY A 83 -34.51 15.87 -10.10
CA GLY A 83 -33.57 16.07 -9.00
C GLY A 83 -32.71 14.85 -8.69
N ASN A 84 -33.23 13.66 -8.96
CA ASN A 84 -32.51 12.42 -8.76
C ASN A 84 -31.57 12.13 -9.92
N PHE A 85 -30.26 12.18 -9.66
CA PHE A 85 -29.25 11.93 -10.67
C PHE A 85 -28.44 10.65 -10.45
N VAL A 86 -28.85 9.84 -9.46
CA VAL A 86 -28.17 8.58 -9.17
C VAL A 86 -28.44 7.54 -10.26
N GLY A 87 -29.63 7.60 -10.86
CA GLY A 87 -30.08 6.67 -11.88
C GLY A 87 -30.06 7.22 -13.29
N ILE A 88 -29.21 8.23 -13.54
CA ILE A 88 -29.04 8.79 -14.89
C ILE A 88 -27.56 8.85 -15.30
N ASP A 89 -27.34 9.09 -16.61
CA ASP A 89 -26.02 9.13 -17.21
C ASP A 89 -25.71 10.52 -17.73
N PRO A 90 -24.42 10.88 -17.93
CA PRO A 90 -24.06 12.12 -18.62
C PRO A 90 -24.77 12.23 -19.96
N PRO A 91 -25.13 13.46 -20.43
CA PRO A 91 -24.78 14.71 -19.75
C PRO A 91 -25.75 15.22 -18.68
N ASP A 92 -26.87 14.53 -18.51
CA ASP A 92 -27.91 14.96 -17.54
C ASP A 92 -27.32 14.94 -16.13
N HIS A 93 -26.51 13.93 -15.81
CA HIS A 93 -25.90 13.79 -14.46
C HIS A 93 -24.91 14.92 -14.20
N THR A 94 -24.07 15.25 -15.18
CA THR A 94 -22.99 16.23 -14.97
C THR A 94 -23.56 17.56 -14.51
N GLN A 95 -24.61 18.03 -15.19
CA GLN A 95 -25.14 19.35 -14.91
C GLN A 95 -25.78 19.43 -13.50
N LEU A 96 -26.57 18.42 -13.15
CA LEU A 96 -27.26 18.33 -11.85
C LEU A 96 -26.31 18.12 -10.68
N ARG A 97 -25.38 17.17 -10.82
CA ARG A 97 -24.38 16.90 -9.80
C ARG A 97 -23.46 18.11 -9.62
N GLY A 98 -23.17 18.79 -10.74
CA GLY A 98 -22.36 20.00 -10.73
C GLY A 98 -22.88 21.04 -9.76
N LEU A 99 -24.20 21.27 -9.81
CA LEU A 99 -24.87 22.22 -8.94
C LEU A 99 -24.88 21.76 -7.48
N VAL A 100 -25.30 20.51 -7.27
CA VAL A 100 -25.38 19.96 -5.91
C VAL A 100 -24.02 19.94 -5.25
N SER A 101 -22.99 19.57 -6.03
CA SER A 101 -21.61 19.48 -5.56
C SER A 101 -21.06 20.84 -5.11
N GLN A 102 -21.28 21.87 -5.93
CA GLN A 102 -20.90 23.24 -5.63
C GLN A 102 -21.51 23.71 -4.29
N ALA A 103 -22.80 23.43 -4.11
CA ALA A 103 -23.55 23.81 -2.91
C ALA A 103 -23.08 23.05 -1.68
N PHE A 104 -22.86 21.74 -1.86
CA PHE A 104 -22.47 20.84 -0.78
C PHE A 104 -20.96 20.78 -0.66
N SER A 105 -20.36 21.93 -0.33
CA SER A 105 -18.91 22.08 -0.23
C SER A 105 -18.42 21.41 1.06
N PRO A 106 -17.11 21.06 1.15
CA PRO A 106 -16.62 20.34 2.32
C PRO A 106 -16.86 21.05 3.65
N ARG A 107 -16.91 22.39 3.63
CA ARG A 107 -17.15 23.16 4.87
C ARG A 107 -18.59 23.04 5.43
N VAL A 108 -19.55 22.67 4.57
CA VAL A 108 -20.90 22.36 4.98
C VAL A 108 -20.92 21.09 5.85
N THR A 109 -20.16 20.08 5.41
CA THR A 109 -20.01 18.83 6.15
C THR A 109 -19.24 19.06 7.44
N ALA A 110 -18.12 19.78 7.33
CA ALA A 110 -17.24 20.04 8.47
C ALA A 110 -17.97 20.74 9.62
N ALA A 111 -18.80 21.73 9.29
CA ALA A 111 -19.50 22.55 10.27
C ALA A 111 -20.49 21.79 11.17
N LEU A 112 -20.95 20.63 10.68
CA LEU A 112 -21.89 19.78 11.41
C LEU A 112 -21.28 19.05 12.59
N GLU A 113 -19.94 18.95 12.64
CA GLU A 113 -19.24 18.10 13.61
C GLU A 113 -19.66 18.31 15.06
N PRO A 114 -19.73 19.58 15.56
CA PRO A 114 -20.26 19.85 16.89
C PRO A 114 -21.70 19.33 17.17
N ARG A 115 -22.61 19.52 16.23
CA ARG A 115 -24.00 19.07 16.36
C ARG A 115 -24.13 17.57 16.43
N ILE A 116 -23.42 16.89 15.52
CA ILE A 116 -23.39 15.43 15.47
C ILE A 116 -22.91 14.91 16.84
N GLY A 117 -21.85 15.54 17.36
CA GLY A 117 -21.33 15.28 18.69
C GLY A 117 -22.43 15.33 19.74
N ARG A 118 -23.11 16.48 19.83
CA ARG A 118 -24.17 16.72 20.81
C ARG A 118 -25.34 15.76 20.63
N LEU A 119 -25.72 15.50 19.38
CA LEU A 119 -26.86 14.59 19.10
C LEU A 119 -26.52 13.17 19.57
N ALA A 120 -25.31 12.70 19.28
CA ALA A 120 -24.92 11.33 19.65
C ALA A 120 -24.97 11.19 21.17
N GLU A 121 -24.49 12.21 21.89
CA GLU A 121 -24.53 12.19 23.37
C GLU A 121 -25.99 12.15 23.85
N GLN A 122 -26.87 12.94 23.22
CA GLN A 122 -28.28 13.01 23.65
C GLN A 122 -28.95 11.65 23.46
N LEU A 123 -28.70 10.98 22.32
CA LEU A 123 -29.34 9.67 22.04
C LEU A 123 -28.85 8.66 23.09
N LEU A 124 -27.55 8.71 23.41
CA LEU A 124 -26.98 7.79 24.44
C LEU A 124 -27.53 8.11 25.83
N ASP A 125 -27.84 9.38 26.12
CA ASP A 125 -28.31 9.76 27.48
C ASP A 125 -29.76 9.31 27.62
N ASP A 126 -30.51 9.33 26.52
CA ASP A 126 -31.92 8.82 26.54
C ASP A 126 -31.91 7.32 26.83
N ILE A 127 -31.01 6.57 26.19
CA ILE A 127 -30.90 5.10 26.43
C ILE A 127 -30.47 4.86 27.88
N VAL A 128 -29.47 5.60 28.35
CA VAL A 128 -28.91 5.37 29.72
C VAL A 128 -29.95 5.66 30.80
N ALA A 129 -30.78 6.69 30.62
CA ALA A 129 -31.73 7.08 31.70
C ALA A 129 -32.71 5.95 31.98
N GLU A 130 -33.23 5.31 30.92
CA GLU A 130 -34.25 4.25 31.09
C GLU A 130 -33.69 3.00 31.80
N ARG A 131 -32.50 2.53 31.43
CA ARG A 131 -32.03 1.23 32.01
C ARG A 131 -30.82 1.36 32.94
N GLY A 132 -30.36 2.58 33.24
CA GLY A 132 -29.26 2.75 34.22
C GLY A 132 -27.89 2.42 33.65
N ASP A 133 -26.89 2.18 34.51
CA ASP A 133 -25.50 1.93 34.07
C ASP A 133 -25.41 0.68 33.18
N LYS A 134 -26.15 -0.38 33.49
CA LYS A 134 -26.18 -1.57 32.61
C LYS A 134 -27.45 -1.46 31.79
N ALA A 135 -27.34 -0.91 30.58
CA ALA A 135 -28.49 -0.61 29.73
C ALA A 135 -28.48 -1.40 28.43
N SER A 136 -29.46 -2.30 28.28
CA SER A 136 -29.66 -3.01 27.01
C SER A 136 -30.49 -2.13 26.07
N CYS A 137 -30.14 -2.17 24.78
CA CYS A 137 -30.83 -1.31 23.78
C CYS A 137 -30.64 -1.88 22.37
N ASP A 138 -31.27 -1.26 21.37
CA ASP A 138 -31.03 -1.65 19.96
C ASP A 138 -30.11 -0.55 19.41
N LEU A 139 -28.87 -0.88 19.09
CA LEU A 139 -27.91 0.17 18.66
C LEU A 139 -28.37 0.79 17.34
N VAL A 140 -28.84 0.00 16.39
CA VAL A 140 -29.38 0.57 15.12
C VAL A 140 -30.67 1.35 15.40
N GLY A 141 -31.60 0.75 16.15
CA GLY A 141 -32.92 1.39 16.39
C GLY A 141 -32.87 2.64 17.24
N GLU A 142 -32.08 2.64 18.31
CA GLU A 142 -32.10 3.79 19.25
C GLU A 142 -30.88 4.71 19.06
N PHE A 143 -29.94 4.36 18.17
CA PHE A 143 -28.72 5.21 18.07
C PHE A 143 -28.30 5.43 16.61
N ALA A 144 -27.82 4.40 15.92
CA ALA A 144 -27.27 4.58 14.55
C ALA A 144 -28.33 5.08 13.57
N GLY A 145 -29.51 4.47 13.57
CA GLY A 145 -30.59 4.89 12.64
C GLY A 145 -31.09 6.30 12.90
N PRO A 146 -31.41 6.70 14.15
CA PRO A 146 -31.79 8.09 14.42
C PRO A 146 -30.64 9.04 14.07
N LEU A 147 -29.40 8.67 14.40
CA LEU A 147 -28.24 9.56 14.13
C LEU A 147 -28.13 9.79 12.63
N SER A 148 -28.42 8.77 11.80
CA SER A 148 -28.18 8.91 10.35
C SER A 148 -29.25 9.79 9.74
N ALA A 149 -30.49 9.58 10.17
CA ALA A 149 -31.64 10.35 9.68
C ALA A 149 -31.56 11.82 10.11
N ILE A 150 -31.22 12.06 11.38
CA ILE A 150 -31.19 13.40 11.95
C ILE A 150 -29.96 14.21 11.48
N VAL A 151 -28.83 13.52 11.30
CA VAL A 151 -27.65 14.14 10.70
C VAL A 151 -28.02 14.69 9.32
N ILE A 152 -28.64 13.85 8.47
CA ILE A 152 -29.06 14.29 7.14
C ILE A 152 -30.11 15.41 7.25
N ALA A 153 -30.98 15.31 8.26
CA ALA A 153 -31.96 16.33 8.56
C ALA A 153 -31.27 17.65 8.89
N GLU A 154 -30.25 17.58 9.76
CA GLU A 154 -29.45 18.74 10.14
C GLU A 154 -28.77 19.42 8.95
N LEU A 155 -28.12 18.62 8.11
CA LEU A 155 -27.47 19.10 6.89
C LEU A 155 -28.37 20.06 6.10
N PHE A 156 -29.66 19.68 5.96
CA PHE A 156 -30.63 20.44 5.18
C PHE A 156 -31.37 21.52 5.98
N GLY A 157 -31.12 21.57 7.28
CA GLY A 157 -31.65 22.61 8.13
C GLY A 157 -33.12 22.41 8.47
N ILE A 158 -33.50 21.13 8.62
CA ILE A 158 -34.83 20.75 9.05
C ILE A 158 -34.95 21.15 10.52
N PRO A 159 -36.01 21.89 10.93
CA PRO A 159 -36.16 22.31 12.32
C PRO A 159 -36.01 21.19 13.34
N GLU A 160 -35.51 21.56 14.52
CA GLU A 160 -35.21 20.64 15.61
C GLU A 160 -36.45 19.85 16.00
N SER A 161 -37.60 20.54 16.04
CA SER A 161 -38.90 19.94 16.36
C SER A 161 -39.26 18.72 15.47
N ASP A 162 -38.87 18.78 14.19
CA ASP A 162 -39.26 17.78 13.21
C ASP A 162 -38.29 16.60 13.09
N HIS A 163 -37.25 16.56 13.94
CA HIS A 163 -36.19 15.55 13.84
C HIS A 163 -36.63 14.14 14.21
N THR A 164 -37.39 14.03 15.32
CA THR A 164 -37.93 12.75 15.76
C THR A 164 -38.90 12.19 14.71
N MET A 165 -39.61 13.10 14.04
CA MET A 165 -40.52 12.75 12.95
C MET A 165 -39.76 12.24 11.74
N ILE A 166 -38.71 12.96 11.31
CA ILE A 166 -37.88 12.58 10.18
C ILE A 166 -37.22 11.22 10.43
N ALA A 167 -36.76 11.00 11.66
CA ALA A 167 -36.13 9.75 12.05
C ALA A 167 -37.10 8.57 11.92
N GLU A 168 -38.36 8.81 12.30
CA GLU A 168 -39.43 7.82 12.20
C GLU A 168 -39.87 7.60 10.76
N TRP A 169 -39.93 8.67 9.97
CA TRP A 169 -40.25 8.61 8.55
C TRP A 169 -39.25 7.72 7.80
N ALA A 170 -37.96 7.87 8.13
CA ALA A 170 -36.88 7.12 7.50
C ALA A 170 -36.90 5.64 7.89
N LYS A 171 -37.20 5.37 9.17
CA LYS A 171 -37.34 3.99 9.65
C LYS A 171 -38.49 3.28 8.94
N ALA A 172 -39.58 4.01 8.68
CA ALA A 172 -40.76 3.48 8.02
C ALA A 172 -40.45 3.11 6.57
N LEU A 173 -40.02 4.10 5.79
CA LEU A 173 -39.73 3.91 4.36
C LEU A 173 -38.59 2.90 4.11
N LEU A 174 -37.56 2.94 4.96
CA LEU A 174 -36.28 2.26 4.70
C LEU A 174 -35.89 1.27 5.82
N GLY A 175 -36.13 -0.02 5.56
CA GLY A 175 -35.80 -1.09 6.50
C GLY A 175 -36.23 -2.46 5.97
N ALA A 189 -44.59 1.19 -3.89
CA ALA A 189 -45.13 -0.15 -4.15
C ALA A 189 -46.41 -0.36 -3.35
N MET A 190 -46.27 -0.43 -2.02
CA MET A 190 -47.40 -0.48 -1.10
C MET A 190 -48.00 0.93 -1.05
N GLN A 191 -49.31 1.00 -0.81
CA GLN A 191 -50.04 2.28 -0.75
C GLN A 191 -49.39 3.29 0.21
N ASN A 192 -48.92 2.80 1.36
CA ASN A 192 -48.15 3.59 2.35
C ASN A 192 -46.85 4.14 1.79
N THR A 193 -46.10 3.27 1.10
CA THR A 193 -44.83 3.66 0.48
C THR A 193 -45.04 4.84 -0.47
N ALA A 194 -46.12 4.78 -1.27
CA ALA A 194 -46.53 5.87 -2.14
C ALA A 194 -46.85 7.14 -1.35
N ASP A 195 -47.53 6.96 -0.22
CA ASP A 195 -47.92 8.05 0.69
C ASP A 195 -46.73 8.74 1.34
N LEU A 196 -45.84 7.94 1.93
CA LEU A 196 -44.62 8.44 2.56
C LEU A 196 -43.81 9.28 1.58
N VAL A 197 -43.69 8.80 0.34
CA VAL A 197 -42.98 9.52 -0.71
C VAL A 197 -43.70 10.81 -1.08
N ARG A 198 -45.02 10.74 -1.26
CA ARG A 198 -45.80 11.90 -1.67
C ARG A 198 -45.87 12.99 -0.59
N ARG A 199 -46.03 12.57 0.67
CA ARG A 199 -46.10 13.52 1.80
C ARG A 199 -44.75 14.18 2.09
N ALA A 200 -43.67 13.41 2.00
CA ALA A 200 -42.30 13.92 2.07
C ALA A 200 -42.13 15.03 1.04
N GLY A 201 -42.60 14.77 -0.19
CA GLY A 201 -42.66 15.76 -1.25
C GLY A 201 -43.33 17.07 -0.83
N GLU A 202 -44.52 16.96 -0.23
CA GLU A 202 -45.29 18.12 0.23
C GLU A 202 -44.52 18.90 1.28
N TYR A 203 -44.00 18.16 2.28
CA TYR A 203 -43.20 18.70 3.38
C TYR A 203 -41.97 19.48 2.90
N LEU A 204 -41.19 18.86 2.01
CA LEU A 204 -39.93 19.42 1.53
C LEU A 204 -40.15 20.68 0.67
N VAL A 205 -41.26 20.71 -0.08
CA VAL A 205 -41.64 21.89 -0.86
C VAL A 205 -41.86 23.08 0.07
N HIS A 206 -42.55 22.83 1.20
CA HIS A 206 -42.79 23.86 2.21
C HIS A 206 -41.48 24.33 2.82
N HIS A 207 -40.61 23.36 3.13
CA HIS A 207 -39.28 23.66 3.66
C HIS A 207 -38.47 24.52 2.69
N ILE A 208 -38.51 24.14 1.41
CA ILE A 208 -37.75 24.83 0.37
C ILE A 208 -38.22 26.27 0.17
N THR A 209 -39.53 26.47 0.00
CA THR A 209 -40.09 27.80 -0.22
C THR A 209 -39.82 28.69 1.00
N GLU A 210 -39.83 28.07 2.19
CA GLU A 210 -39.51 28.75 3.45
C GLU A 210 -38.08 29.23 3.50
N ARG A 211 -37.15 28.34 3.11
CA ARG A 211 -35.71 28.62 3.11
C ARG A 211 -35.26 29.47 1.93
N ARG A 212 -36.07 29.47 0.86
CA ARG A 212 -35.86 30.37 -0.27
C ARG A 212 -36.22 31.80 0.14
N ALA A 213 -37.36 31.94 0.84
CA ALA A 213 -37.86 33.22 1.34
C ALA A 213 -36.98 33.79 2.44
N ARG A 214 -36.72 32.98 3.48
CA ARG A 214 -35.84 33.33 4.60
C ARG A 214 -34.70 32.30 4.73
N PRO A 215 -33.53 32.53 4.07
CA PRO A 215 -32.42 31.57 4.11
C PRO A 215 -31.65 31.46 5.44
N GLN A 216 -31.10 30.27 5.72
CA GLN A 216 -30.30 30.04 6.96
C GLN A 216 -29.07 29.21 6.55
N ASP A 217 -28.04 29.16 7.40
CA ASP A 217 -26.80 28.40 7.09
C ASP A 217 -27.10 26.90 7.00
N ASP A 218 -27.68 26.45 5.89
CA ASP A 218 -27.97 25.04 5.66
C ASP A 218 -27.94 24.72 4.18
N LEU A 219 -27.87 23.43 3.84
CA LEU A 219 -27.72 22.99 2.46
C LEU A 219 -28.94 23.33 1.59
N THR A 220 -30.14 23.35 2.20
CA THR A 220 -31.38 23.66 1.46
C THR A 220 -31.33 25.08 0.90
N SER A 221 -30.92 26.03 1.73
CA SER A 221 -30.75 27.44 1.35
C SER A 221 -29.63 27.63 0.30
N ARG A 222 -28.56 26.86 0.43
CA ARG A 222 -27.42 26.88 -0.50
C ARG A 222 -27.81 26.33 -1.85
N LEU A 223 -28.53 25.21 -1.86
CA LEU A 223 -29.06 24.63 -3.09
C LEU A 223 -29.92 25.65 -3.81
N ALA A 224 -30.73 26.40 -3.04
CA ALA A 224 -31.63 27.41 -3.59
C ALA A 224 -30.93 28.64 -4.16
N THR A 225 -29.68 28.90 -3.74
CA THR A 225 -28.96 30.13 -4.13
C THR A 225 -27.69 29.97 -4.96
N THR A 226 -27.27 28.73 -5.26
CA THR A 226 -26.05 28.50 -6.04
C THR A 226 -26.32 28.53 -7.53
N GLU A 227 -25.40 29.20 -8.26
CA GLU A 227 -25.32 29.20 -9.72
C GLU A 227 -24.09 28.43 -10.16
N VAL A 228 -24.19 27.75 -11.31
CA VAL A 228 -23.05 27.16 -11.98
C VAL A 228 -23.15 27.44 -13.46
N ASP A 229 -22.29 28.34 -13.95
CA ASP A 229 -22.28 28.80 -15.34
C ASP A 229 -23.70 29.16 -15.78
N GLY A 230 -24.32 30.06 -15.01
CA GLY A 230 -25.61 30.64 -15.33
C GLY A 230 -26.85 29.77 -15.08
N LYS A 231 -26.66 28.59 -14.50
CA LYS A 231 -27.74 27.63 -14.25
C LYS A 231 -28.02 27.49 -12.76
N ARG A 232 -29.28 27.15 -12.44
CA ARG A 232 -29.76 27.02 -11.08
C ARG A 232 -30.60 25.76 -10.94
N LEU A 233 -30.93 25.44 -9.69
CA LEU A 233 -31.84 24.38 -9.36
C LEU A 233 -33.21 24.99 -9.03
N ASP A 234 -34.27 24.43 -9.61
CA ASP A 234 -35.63 24.84 -9.26
C ASP A 234 -36.15 24.01 -8.08
N ASP A 235 -37.26 24.48 -7.49
CA ASP A 235 -37.83 23.91 -6.27
C ASP A 235 -38.07 22.42 -6.39
N GLU A 236 -38.53 21.97 -7.56
CA GLU A 236 -38.90 20.57 -7.73
C GLU A 236 -37.67 19.64 -7.87
N GLU A 237 -36.57 20.18 -8.41
CA GLU A 237 -35.27 19.50 -8.47
C GLU A 237 -34.65 19.37 -7.09
N ILE A 238 -34.73 20.44 -6.30
CA ILE A 238 -34.22 20.47 -4.94
C ILE A 238 -34.91 19.39 -4.10
N VAL A 239 -36.23 19.26 -4.25
CA VAL A 239 -37.01 18.23 -3.58
C VAL A 239 -36.44 16.84 -3.84
N GLY A 240 -36.11 16.57 -5.11
CA GLY A 240 -35.53 15.32 -5.54
C GLY A 240 -34.15 15.09 -4.95
N VAL A 241 -33.33 16.14 -4.91
CA VAL A 241 -32.00 16.10 -4.31
C VAL A 241 -32.07 15.75 -2.82
N ILE A 242 -32.88 16.51 -2.06
CA ILE A 242 -33.06 16.27 -0.63
C ILE A 242 -33.52 14.82 -0.42
N GLY A 243 -34.55 14.42 -1.17
CA GLY A 243 -35.10 13.07 -1.13
C GLY A 243 -34.08 12.00 -1.47
N MET A 244 -33.25 12.27 -2.49
CA MET A 244 -32.20 11.37 -2.94
C MET A 244 -31.13 11.17 -1.86
N PHE A 245 -30.77 12.26 -1.17
CA PHE A 245 -29.81 12.24 -0.08
C PHE A 245 -30.29 11.35 1.07
N LEU A 246 -31.55 11.51 1.46
CA LEU A 246 -32.14 10.71 2.54
C LEU A 246 -32.16 9.22 2.19
N ILE A 247 -32.58 8.91 0.96
CA ILE A 247 -32.78 7.54 0.51
C ILE A 247 -31.44 6.82 0.32
N ALA A 248 -30.49 7.52 -0.30
CA ALA A 248 -29.16 6.99 -0.53
C ALA A 248 -28.34 6.90 0.76
N GLY A 249 -28.54 7.86 1.67
CA GLY A 249 -27.65 8.08 2.80
C GLY A 249 -27.98 7.46 4.14
N TYR A 250 -29.28 7.24 4.40
CA TYR A 250 -29.77 6.82 5.71
C TYR A 250 -29.28 5.44 6.16
N LEU A 251 -29.70 4.40 5.44
CA LEU A 251 -29.40 3.03 5.81
C LEU A 251 -27.89 2.80 5.88
N PRO A 252 -27.13 3.06 4.79
CA PRO A 252 -25.70 2.79 4.76
C PRO A 252 -24.91 3.43 5.91
N ALA A 253 -25.18 4.70 6.20
CA ALA A 253 -24.51 5.42 7.29
C ALA A 253 -24.74 4.74 8.64
N SER A 254 -25.99 4.36 8.92
CA SER A 254 -26.35 3.65 10.15
C SER A 254 -25.67 2.28 10.21
N VAL A 255 -25.62 1.60 9.06
CA VAL A 255 -24.96 0.31 8.95
C VAL A 255 -23.44 0.44 9.13
N LEU A 256 -22.85 1.52 8.59
CA LEU A 256 -21.39 1.76 8.78
C LEU A 256 -21.12 1.92 10.28
N THR A 257 -21.95 2.71 10.96
CA THR A 257 -21.74 2.96 12.41
C THR A 257 -21.83 1.64 13.18
N ALA A 258 -22.76 0.75 12.81
CA ALA A 258 -22.95 -0.50 13.58
C ALA A 258 -21.94 -1.55 13.13
N ASN A 259 -21.68 -1.66 11.82
CA ASN A 259 -20.62 -2.56 11.33
C ASN A 259 -19.24 -2.31 11.95
N THR A 260 -18.96 -1.03 12.25
CA THR A 260 -17.71 -0.64 12.92
C THR A 260 -17.71 -1.18 14.35
N VAL A 261 -18.80 -0.89 15.07
CA VAL A 261 -19.00 -1.40 16.43
C VAL A 261 -18.87 -2.93 16.48
N MET A 262 -19.50 -3.60 15.50
CA MET A 262 -19.52 -5.06 15.43
C MET A 262 -18.16 -5.62 15.04
N ALA A 263 -17.50 -5.00 14.06
CA ALA A 263 -16.21 -5.47 13.55
C ALA A 263 -15.11 -5.33 14.61
N LEU A 264 -15.15 -4.24 15.37
CA LEU A 264 -14.24 -4.02 16.50
C LEU A 264 -14.54 -4.98 17.67
N ASP A 265 -15.83 -5.23 17.91
CA ASP A 265 -16.28 -6.21 18.92
C ASP A 265 -15.76 -7.61 18.61
N GLU A 266 -15.80 -7.98 17.31
CA GLU A 266 -15.33 -9.28 16.83
C GLU A 266 -13.80 -9.39 16.74
N HIS A 267 -13.09 -8.33 17.18
CA HIS A 267 -11.64 -8.26 17.14
C HIS A 267 -11.11 -7.53 18.37
N PRO A 268 -11.08 -8.20 19.55
CA PRO A 268 -10.74 -7.56 20.81
C PRO A 268 -9.43 -6.74 20.83
N ALA A 269 -8.43 -7.19 20.08
CA ALA A 269 -7.13 -6.51 20.02
C ALA A 269 -7.26 -5.16 19.33
N ALA A 270 -7.88 -5.16 18.14
CA ALA A 270 -8.17 -3.93 17.41
C ALA A 270 -8.94 -2.97 18.32
N LEU A 271 -10.00 -3.48 18.96
CA LEU A 271 -10.82 -2.70 19.89
C LEU A 271 -10.00 -2.05 20.98
N ALA A 272 -9.07 -2.81 21.56
CA ALA A 272 -8.22 -2.31 22.63
C ALA A 272 -7.35 -1.16 22.12
N GLU A 273 -6.79 -1.34 20.93
CA GLU A 273 -5.93 -0.34 20.29
C GLU A 273 -6.68 0.97 20.11
N VAL A 274 -7.93 0.90 19.64
CA VAL A 274 -8.73 2.06 19.34
C VAL A 274 -9.23 2.75 20.60
N ARG A 275 -9.61 1.94 21.60
CA ARG A 275 -10.01 2.48 22.90
C ARG A 275 -8.88 3.30 23.53
N SER A 276 -7.65 2.79 23.40
CA SER A 276 -6.46 3.41 24.00
C SER A 276 -5.91 4.60 23.19
N ASP A 277 -6.11 4.57 21.87
CA ASP A 277 -5.68 5.65 20.97
C ASP A 277 -6.77 5.93 19.93
N PRO A 278 -7.76 6.78 20.27
CA PRO A 278 -8.91 7.02 19.38
C PRO A 278 -8.57 7.66 18.03
N ALA A 279 -7.33 8.14 17.89
CA ALA A 279 -6.80 8.63 16.62
C ALA A 279 -6.82 7.55 15.54
N LEU A 280 -6.75 6.28 15.96
CA LEU A 280 -6.80 5.12 15.07
C LEU A 280 -8.16 4.84 14.42
N LEU A 281 -9.21 5.51 14.90
CA LEU A 281 -10.58 5.16 14.54
C LEU A 281 -10.92 5.38 13.08
N PRO A 282 -10.57 6.54 12.46
CA PRO A 282 -10.86 6.74 11.04
C PRO A 282 -10.24 5.67 10.15
N GLY A 283 -9.03 5.22 10.50
CA GLY A 283 -8.37 4.14 9.79
C GLY A 283 -9.12 2.83 9.93
N ALA A 284 -9.62 2.58 11.14
CA ALA A 284 -10.46 1.42 11.43
C ALA A 284 -11.75 1.44 10.60
N ILE A 285 -12.36 2.61 10.48
CA ILE A 285 -13.58 2.80 9.70
C ILE A 285 -13.34 2.49 8.23
N GLU A 286 -12.22 2.98 7.68
CA GLU A 286 -11.83 2.68 6.30
C GLU A 286 -11.68 1.19 6.08
N GLU A 287 -11.17 0.48 7.11
CA GLU A 287 -11.00 -0.95 7.02
C GLU A 287 -12.36 -1.65 7.04
N VAL A 288 -13.26 -1.16 7.90
CA VAL A 288 -14.63 -1.67 7.99
C VAL A 288 -15.32 -1.55 6.62
N LEU A 289 -15.19 -0.38 5.99
CA LEU A 289 -15.73 -0.13 4.65
C LEU A 289 -15.23 -1.12 3.60
N ARG A 290 -14.00 -1.61 3.77
CA ARG A 290 -13.41 -2.62 2.88
C ARG A 290 -13.89 -4.02 3.22
N TRP A 291 -13.80 -4.34 4.52
CA TRP A 291 -13.92 -5.71 5.02
C TRP A 291 -15.38 -6.14 5.34
N ARG A 292 -16.22 -5.18 5.71
CA ARG A 292 -17.66 -5.39 5.81
C ARG A 292 -18.43 -4.17 5.30
N PRO A 293 -18.39 -3.90 3.98
CA PRO A 293 -19.05 -2.73 3.41
C PRO A 293 -20.56 -2.76 3.61
N PRO A 294 -21.18 -1.67 4.11
CA PRO A 294 -22.64 -1.59 4.19
C PRO A 294 -23.35 -1.94 2.88
N LEU A 295 -22.98 -1.28 1.78
CA LEU A 295 -23.47 -1.62 0.46
C LEU A 295 -22.45 -2.52 -0.18
N VAL A 296 -22.91 -3.71 -0.57
CA VAL A 296 -22.08 -4.85 -0.94
C VAL A 296 -21.98 -5.05 -2.48
N ARG A 297 -22.97 -4.55 -3.21
CA ARG A 297 -22.94 -4.52 -4.67
C ARG A 297 -23.39 -3.17 -5.24
N ASP A 298 -23.07 -2.97 -6.52
CA ASP A 298 -23.39 -1.76 -7.27
C ASP A 298 -23.73 -2.26 -8.66
N GLN A 299 -24.87 -1.81 -9.20
CA GLN A 299 -25.42 -2.37 -10.42
C GLN A 299 -25.34 -1.43 -11.60
N ARG A 300 -25.07 -2.00 -12.78
CA ARG A 300 -25.03 -1.28 -14.04
C ARG A 300 -25.75 -2.09 -15.14
N LEU A 301 -25.96 -1.45 -16.28
CA LEU A 301 -26.61 -2.03 -17.44
C LEU A 301 -25.78 -1.73 -18.69
N THR A 302 -25.34 -2.79 -19.39
CA THR A 302 -24.54 -2.65 -20.59
C THR A 302 -25.35 -2.01 -21.71
N THR A 303 -24.80 -0.96 -22.32
CA THR A 303 -25.42 -0.25 -23.43
C THR A 303 -25.02 -0.84 -24.77
N ARG A 304 -23.98 -1.69 -24.73
CA ARG A 304 -23.42 -2.34 -25.91
C ARG A 304 -22.71 -3.63 -25.49
N ASP A 305 -22.25 -4.40 -26.49
CA ASP A 305 -21.48 -5.61 -26.23
C ASP A 305 -20.14 -5.17 -25.61
N ALA A 306 -19.81 -5.76 -24.45
CA ALA A 306 -18.74 -5.27 -23.59
C ALA A 306 -17.71 -6.34 -23.25
N ASP A 307 -16.47 -6.11 -23.69
CA ASP A 307 -15.33 -6.96 -23.35
C ASP A 307 -14.87 -6.65 -21.92
N LEU A 308 -14.97 -7.65 -21.05
CA LEU A 308 -14.66 -7.51 -19.63
C LEU A 308 -14.20 -8.85 -19.04
N GLY A 309 -13.01 -8.83 -18.41
CA GLY A 309 -12.47 -9.99 -17.70
C GLY A 309 -12.27 -11.22 -18.57
N GLY A 310 -11.80 -10.99 -19.81
CA GLY A 310 -11.58 -12.03 -20.80
C GLY A 310 -12.84 -12.56 -21.45
N ARG A 311 -13.97 -11.88 -21.22
CA ARG A 311 -15.29 -12.33 -21.63
C ARG A 311 -16.05 -11.19 -22.25
N THR A 312 -17.03 -11.54 -23.10
CA THR A 312 -17.90 -10.56 -23.75
C THR A 312 -19.26 -10.59 -23.03
N VAL A 313 -19.67 -9.42 -22.52
CA VAL A 313 -20.98 -9.24 -21.90
C VAL A 313 -21.88 -8.60 -22.94
N PRO A 314 -23.01 -9.26 -23.31
CA PRO A 314 -23.86 -8.76 -24.38
C PRO A 314 -24.68 -7.53 -23.98
N ALA A 315 -24.95 -6.66 -24.95
CA ALA A 315 -25.81 -5.49 -24.75
C ALA A 315 -27.13 -5.94 -24.14
N GLY A 316 -27.66 -5.13 -23.22
CA GLY A 316 -28.90 -5.42 -22.52
C GLY A 316 -28.72 -6.15 -21.19
N SER A 317 -27.48 -6.51 -20.86
CA SER A 317 -27.17 -7.30 -19.66
C SER A 317 -27.13 -6.44 -18.40
N MET A 318 -27.76 -6.96 -17.35
CA MET A 318 -27.59 -6.43 -16.00
C MET A 318 -26.22 -6.87 -15.49
N VAL A 319 -25.43 -5.91 -14.99
CA VAL A 319 -24.15 -6.21 -14.38
C VAL A 319 -24.24 -5.91 -12.89
N CYS A 320 -23.80 -6.88 -12.08
CA CYS A 320 -23.80 -6.81 -10.63
C CYS A 320 -22.35 -6.81 -10.16
N VAL A 321 -21.85 -5.64 -9.74
CA VAL A 321 -20.46 -5.49 -9.32
C VAL A 321 -20.37 -5.79 -7.83
N TRP A 322 -19.79 -6.93 -7.47
CA TRP A 322 -19.60 -7.29 -6.07
C TRP A 322 -18.42 -6.52 -5.48
N LEU A 323 -18.74 -5.35 -4.92
CA LEU A 323 -17.77 -4.52 -4.21
C LEU A 323 -17.11 -5.34 -3.08
N ALA A 324 -17.93 -6.14 -2.39
CA ALA A 324 -17.46 -6.94 -1.26
C ALA A 324 -16.41 -7.96 -1.68
N SER A 325 -16.54 -8.49 -2.90
CA SER A 325 -15.58 -9.43 -3.47
C SER A 325 -14.31 -8.72 -3.94
N ALA A 326 -14.48 -7.58 -4.61
CA ALA A 326 -13.38 -6.72 -5.06
C ALA A 326 -12.42 -6.35 -3.91
N HIS A 327 -12.99 -6.15 -2.72
CA HIS A 327 -12.22 -5.81 -1.53
C HIS A 327 -11.40 -6.96 -0.99
N ARG A 328 -11.80 -8.20 -1.31
CA ARG A 328 -11.10 -9.40 -0.88
C ARG A 328 -10.16 -9.94 -1.96
N ASP A 329 -10.05 -9.23 -3.07
CA ASP A 329 -9.18 -9.62 -4.19
C ASP A 329 -7.72 -9.52 -3.74
N PRO A 330 -6.97 -10.66 -3.67
CA PRO A 330 -5.57 -10.62 -3.26
C PRO A 330 -4.61 -9.96 -4.26
N PHE A 331 -5.10 -9.68 -5.47
CA PHE A 331 -4.33 -8.98 -6.49
C PHE A 331 -4.17 -7.51 -6.12
N ARG A 332 -5.05 -7.02 -5.24
CA ARG A 332 -5.15 -5.60 -4.88
C ARG A 332 -4.86 -5.33 -3.40
N PHE A 333 -5.23 -6.26 -2.52
CA PHE A 333 -5.02 -6.13 -1.09
C PHE A 333 -4.24 -7.32 -0.56
N GLU A 334 -3.19 -7.05 0.24
CA GLU A 334 -2.42 -8.09 0.90
C GLU A 334 -3.25 -8.69 2.03
N ASN A 335 -3.19 -10.03 2.17
CA ASN A 335 -3.87 -10.75 3.24
C ASN A 335 -5.34 -10.31 3.29
N PRO A 336 -6.08 -10.43 2.17
CA PRO A 336 -7.35 -9.69 2.00
C PRO A 336 -8.40 -9.97 3.06
N ASP A 337 -8.46 -11.21 3.54
CA ASP A 337 -9.51 -11.65 4.45
C ASP A 337 -9.18 -11.36 5.92
N LEU A 338 -8.05 -10.71 6.17
CA LEU A 338 -7.66 -10.26 7.51
C LEU A 338 -8.19 -8.85 7.75
N PHE A 339 -8.88 -8.67 8.87
CA PHE A 339 -9.32 -7.37 9.34
C PHE A 339 -8.13 -6.70 10.04
N ASP A 340 -7.63 -5.61 9.44
CA ASP A 340 -6.42 -4.93 9.87
C ASP A 340 -6.64 -3.42 9.90
N ILE A 341 -6.87 -2.86 11.10
CA ILE A 341 -7.13 -1.42 11.25
C ILE A 341 -5.93 -0.54 10.91
N HIS A 342 -4.77 -1.15 10.70
CA HIS A 342 -3.53 -0.47 10.34
C HIS A 342 -3.20 -0.52 8.86
N ARG A 343 -3.96 -1.34 8.13
CA ARG A 343 -3.86 -1.48 6.69
C ARG A 343 -4.12 -0.15 6.00
N ASN A 344 -3.51 0.03 4.83
CA ASN A 344 -3.92 1.07 3.89
C ASN A 344 -5.09 0.52 3.06
N ALA A 345 -6.31 0.92 3.46
CA ALA A 345 -7.55 0.49 2.81
C ALA A 345 -8.04 1.47 1.73
N GLY A 346 -7.24 2.52 1.48
CA GLY A 346 -7.60 3.64 0.61
C GLY A 346 -8.20 3.33 -0.75
N ARG A 347 -7.85 2.16 -1.29
CA ARG A 347 -8.30 1.74 -2.60
C ARG A 347 -9.68 1.08 -2.62
N HIS A 348 -10.33 0.96 -1.45
CA HIS A 348 -11.66 0.35 -1.38
C HIS A 348 -12.69 1.12 -2.23
N LEU A 349 -13.75 0.41 -2.64
CA LEU A 349 -14.83 0.93 -3.49
C LEU A 349 -16.18 1.08 -2.77
N ALA A 350 -16.17 1.07 -1.44
CA ALA A 350 -17.38 1.15 -0.60
C ALA A 350 -18.28 2.34 -0.92
N PHE A 351 -17.66 3.46 -1.33
CA PHE A 351 -18.35 4.69 -1.73
C PHE A 351 -18.43 4.84 -3.24
N GLY A 352 -18.10 3.76 -3.96
CA GLY A 352 -18.13 3.72 -5.41
C GLY A 352 -16.86 4.27 -6.03
N LYS A 353 -16.96 4.61 -7.32
CA LYS A 353 -15.84 5.14 -8.08
C LYS A 353 -16.31 5.75 -9.40
N GLY A 354 -15.63 6.82 -9.82
CA GLY A 354 -15.97 7.56 -11.00
C GLY A 354 -16.98 8.66 -10.72
N ILE A 355 -17.82 8.95 -11.71
CA ILE A 355 -18.72 10.10 -11.69
C ILE A 355 -19.82 10.07 -10.62
N HIS A 356 -20.25 8.86 -10.23
CA HIS A 356 -21.32 8.64 -9.23
C HIS A 356 -20.79 8.46 -7.80
N TYR A 357 -19.49 8.68 -7.59
CA TYR A 357 -18.85 8.57 -6.27
C TYR A 357 -19.69 9.30 -5.21
N CYS A 358 -19.85 8.63 -4.05
CA CYS A 358 -20.75 9.08 -3.00
C CYS A 358 -20.47 10.52 -2.56
N LEU A 359 -21.47 11.39 -2.72
CA LEU A 359 -21.38 12.76 -2.26
C LEU A 359 -21.42 12.87 -0.73
N GLY A 360 -21.92 11.82 -0.07
CA GLY A 360 -22.03 11.80 1.38
C GLY A 360 -20.87 11.14 2.11
N ALA A 361 -19.85 10.72 1.36
CA ALA A 361 -18.72 9.96 1.91
C ALA A 361 -18.04 10.70 3.06
N PRO A 362 -17.66 11.99 2.88
CA PRO A 362 -17.08 12.78 3.97
C PRO A 362 -17.97 12.81 5.20
N LEU A 363 -19.27 13.05 5.01
CA LEU A 363 -20.23 13.14 6.11
C LEU A 363 -20.39 11.80 6.85
N ALA A 364 -20.42 10.70 6.09
CA ALA A 364 -20.55 9.36 6.65
C ALA A 364 -19.35 8.98 7.53
N ARG A 365 -18.16 9.36 7.08
CA ARG A 365 -16.92 9.12 7.82
C ARG A 365 -16.89 9.91 9.12
N LEU A 366 -17.38 11.15 9.04
CA LEU A 366 -17.49 12.03 10.20
C LEU A 366 -18.57 11.52 11.15
N GLU A 367 -19.74 11.16 10.61
CA GLU A 367 -20.86 10.62 11.38
C GLU A 367 -20.44 9.38 12.17
N ALA A 368 -19.84 8.41 11.44
CA ALA A 368 -19.38 7.16 12.00
C ALA A 368 -18.30 7.33 13.07
N ARG A 369 -17.34 8.22 12.79
CA ARG A 369 -16.23 8.47 13.70
C ARG A 369 -16.75 9.00 15.04
N ILE A 370 -17.63 10.01 15.00
CA ILE A 370 -18.15 10.62 16.26
C ILE A 370 -19.01 9.59 17.00
N ALA A 371 -19.89 8.88 16.29
CA ALA A 371 -20.80 7.92 16.95
C ALA A 371 -20.03 6.83 17.70
N VAL A 372 -18.95 6.31 17.13
CA VAL A 372 -18.22 5.18 17.78
C VAL A 372 -17.26 5.82 18.80
N GLU A 373 -16.72 6.99 18.49
CA GLU A 373 -15.89 7.73 19.44
C GLU A 373 -16.63 7.92 20.76
N THR A 374 -17.89 8.38 20.67
CA THR A 374 -18.73 8.63 21.87
C THR A 374 -19.03 7.31 22.59
N LEU A 375 -19.47 6.28 21.87
CA LEU A 375 -19.87 5.00 22.51
C LEU A 375 -18.70 4.41 23.30
N LEU A 376 -17.48 4.45 22.75
CA LEU A 376 -16.32 3.84 23.44
C LEU A 376 -15.98 4.67 24.68
N ARG A 377 -16.04 6.00 24.56
CA ARG A 377 -15.73 6.86 25.69
C ARG A 377 -16.72 6.72 26.86
N ARG A 378 -17.99 6.42 26.54
CA ARG A 378 -19.06 6.35 27.53
C ARG A 378 -19.36 4.96 28.07
N PHE A 379 -18.93 3.92 27.33
CA PHE A 379 -19.25 2.54 27.67
C PHE A 379 -18.03 1.64 27.58
N GLU A 380 -17.54 1.22 28.76
CA GLU A 380 -16.34 0.39 28.88
C GLU A 380 -16.53 -1.05 28.42
N ARG A 381 -17.79 -1.50 28.38
CA ARG A 381 -18.16 -2.81 27.83
C ARG A 381 -19.37 -2.64 26.90
N ILE A 382 -19.29 -3.26 25.71
CA ILE A 382 -20.38 -3.30 24.74
C ILE A 382 -20.57 -4.77 24.33
N GLU A 383 -21.53 -5.45 24.96
CA GLU A 383 -21.78 -6.88 24.74
C GLU A 383 -22.78 -7.08 23.60
N ILE A 384 -22.37 -7.87 22.60
CA ILE A 384 -23.16 -8.12 21.40
C ILE A 384 -23.31 -9.63 21.21
N PRO A 385 -24.56 -10.14 21.06
CA PRO A 385 -24.78 -11.58 20.95
C PRO A 385 -24.44 -12.16 19.58
N ARG A 386 -24.35 -13.50 19.52
CA ARG A 386 -24.15 -14.26 18.30
C ARG A 386 -25.46 -15.00 17.91
N ASP A 387 -26.57 -14.60 18.52
CA ASP A 387 -27.92 -15.15 18.33
C ASP A 387 -28.51 -14.70 17.03
N GLU A 388 -29.80 -15.04 16.84
CA GLU A 388 -30.63 -14.47 15.76
C GLU A 388 -31.41 -13.24 16.25
N SER A 389 -31.08 -12.76 17.45
CA SER A 389 -31.55 -11.48 17.97
C SER A 389 -30.93 -10.36 17.15
N VAL A 390 -29.71 -10.60 16.64
CA VAL A 390 -29.05 -9.72 15.68
C VAL A 390 -29.65 -9.98 14.30
N GLU A 391 -30.37 -8.98 13.77
CA GLU A 391 -31.13 -9.08 12.53
C GLU A 391 -30.50 -8.21 11.44
N PHE A 392 -29.93 -8.87 10.44
CA PHE A 392 -29.31 -8.22 9.27
C PHE A 392 -30.38 -7.83 8.26
N HIS A 393 -30.14 -6.71 7.55
CA HIS A 393 -31.05 -6.22 6.52
C HIS A 393 -31.23 -7.31 5.47
N GLU A 394 -32.48 -7.47 5.01
CA GLU A 394 -32.93 -8.62 4.24
C GLU A 394 -32.37 -8.69 2.81
N SER A 395 -32.02 -7.52 2.25
CA SER A 395 -31.50 -7.43 0.90
C SER A 395 -30.13 -8.07 0.77
N ILE A 396 -29.89 -8.73 -0.36
CA ILE A 396 -28.60 -9.34 -0.65
C ILE A 396 -27.54 -8.25 -0.84
N GLY A 397 -27.97 -7.06 -1.31
CA GLY A 397 -27.11 -5.93 -1.55
C GLY A 397 -26.70 -5.11 -0.33
N VAL A 398 -27.15 -5.53 0.86
CA VAL A 398 -26.76 -4.90 2.13
C VAL A 398 -26.12 -5.95 3.00
N LEU A 399 -25.16 -5.52 3.83
CA LEU A 399 -24.46 -6.38 4.76
C LEU A 399 -24.24 -5.66 6.08
N GLY A 400 -25.20 -5.84 7.00
CA GLY A 400 -25.14 -5.24 8.32
C GLY A 400 -26.53 -5.20 8.94
N PRO A 401 -26.63 -4.90 10.26
CA PRO A 401 -27.88 -5.04 11.00
C PRO A 401 -28.90 -3.90 10.79
N VAL A 402 -30.19 -4.25 10.94
CA VAL A 402 -31.28 -3.28 11.08
C VAL A 402 -31.89 -3.35 12.48
N ARG A 403 -31.57 -4.42 13.21
CA ARG A 403 -31.93 -4.60 14.60
C ARG A 403 -30.69 -5.22 15.25
N LEU A 404 -30.02 -4.45 16.12
CA LEU A 404 -28.80 -4.88 16.81
C LEU A 404 -28.93 -4.67 18.32
N PRO A 405 -29.45 -5.66 19.07
CA PRO A 405 -29.57 -5.53 20.52
C PRO A 405 -28.21 -5.69 21.17
N THR A 406 -27.85 -4.76 22.05
CA THR A 406 -26.58 -4.78 22.77
C THR A 406 -26.82 -4.47 24.23
N THR A 407 -25.78 -4.66 25.06
CA THR A 407 -25.82 -4.29 26.48
C THR A 407 -24.63 -3.39 26.79
N LEU A 408 -24.93 -2.15 27.17
CA LEU A 408 -23.93 -1.11 27.40
C LEU A 408 -23.66 -0.96 28.89
N PHE A 409 -22.42 -1.23 29.31
CA PHE A 409 -21.97 -1.00 30.66
C PHE A 409 -21.18 0.31 30.69
N ALA A 410 -21.70 1.32 31.37
CA ALA A 410 -21.08 2.64 31.46
C ALA A 410 -19.76 2.58 32.21
N ARG A 411 -18.76 3.35 31.76
CA ARG A 411 -17.43 3.30 32.35
C ARG A 411 -17.46 3.88 33.75
N ARG A 412 -16.85 3.16 34.70
CA ARG A 412 -16.83 3.56 36.11
C ARG A 412 -15.88 4.73 36.33
N LEU B 4 15.68 -27.28 4.26
CA LEU B 4 15.47 -28.46 3.37
C LEU B 4 16.61 -28.58 2.33
N ASN B 5 16.42 -28.01 1.13
CA ASN B 5 17.36 -28.14 0.00
C ASN B 5 18.83 -27.88 0.37
N ASP B 6 19.74 -28.59 -0.32
CA ASP B 6 21.17 -28.30 -0.30
C ASP B 6 21.37 -27.07 -1.18
N LEU B 7 21.68 -25.93 -0.54
CA LEU B 7 21.66 -24.61 -1.18
C LEU B 7 22.89 -24.32 -2.05
N SER B 8 24.06 -24.84 -1.64
CA SER B 8 25.30 -24.68 -2.43
C SER B 8 25.15 -25.29 -3.83
N ALA B 9 24.28 -26.31 -3.93
CA ALA B 9 23.89 -26.92 -5.21
C ALA B 9 23.20 -25.92 -6.16
N LEU B 10 22.36 -25.04 -5.59
CA LEU B 10 21.62 -24.02 -6.34
C LEU B 10 22.53 -23.09 -7.13
N THR B 11 23.60 -22.64 -6.49
CA THR B 11 24.51 -21.62 -7.04
C THR B 11 25.24 -22.06 -8.32
N ARG B 12 25.18 -23.37 -8.61
CA ARG B 12 25.79 -23.94 -9.79
C ARG B 12 24.82 -24.14 -10.96
N LEU B 13 23.50 -24.05 -10.70
CA LEU B 13 22.48 -24.16 -11.74
C LEU B 13 22.54 -22.98 -12.70
N PRO B 14 22.00 -23.09 -13.94
CA PRO B 14 21.88 -21.92 -14.81
C PRO B 14 21.04 -20.85 -14.10
N PHE B 15 21.37 -19.57 -14.32
CA PHE B 15 20.79 -18.47 -13.55
C PHE B 15 19.26 -18.51 -13.52
N ASP B 16 18.64 -18.77 -14.66
CA ASP B 16 17.17 -18.78 -14.78
C ASP B 16 16.51 -19.78 -13.81
N ARG B 17 17.09 -20.98 -13.73
CA ARG B 17 16.60 -22.06 -12.86
C ARG B 17 17.10 -21.92 -11.41
N ARG B 18 18.21 -21.21 -11.22
CA ARG B 18 18.69 -20.83 -9.90
C ARG B 18 17.67 -19.95 -9.20
N ILE B 19 17.23 -18.91 -9.91
CA ILE B 19 16.21 -17.97 -9.43
C ILE B 19 14.96 -18.76 -9.06
N GLU B 20 14.50 -19.59 -10.00
CA GLU B 20 13.32 -20.46 -9.81
C GLU B 20 13.35 -21.26 -8.52
N GLU B 21 14.35 -22.15 -8.42
CA GLU B 21 14.43 -23.10 -7.32
C GLU B 21 14.83 -22.44 -6.00
N PHE B 22 15.49 -21.28 -6.09
CA PHE B 22 15.79 -20.45 -4.93
C PHE B 22 14.49 -19.96 -4.28
N PHE B 23 13.61 -19.38 -5.09
CA PHE B 23 12.32 -18.84 -4.62
C PHE B 23 11.31 -19.93 -4.29
N MET B 24 11.39 -21.08 -5.00
CA MET B 24 10.62 -22.26 -4.63
C MET B 24 11.03 -22.73 -3.23
N TYR B 25 12.34 -22.80 -2.98
CA TYR B 25 12.87 -23.21 -1.68
C TYR B 25 12.29 -22.33 -0.56
N LEU B 26 12.43 -21.01 -0.74
CA LEU B 26 11.98 -20.01 0.24
C LEU B 26 10.45 -20.05 0.40
N GLY B 27 9.73 -20.15 -0.72
CA GLY B 27 8.28 -20.26 -0.74
C GLY B 27 7.73 -21.38 0.11
N GLY B 28 8.27 -22.59 -0.10
CA GLY B 28 7.86 -23.79 0.60
C GLY B 28 7.96 -23.65 2.10
N ARG B 29 9.12 -23.18 2.57
CA ARG B 29 9.37 -22.99 3.99
C ARG B 29 8.56 -21.84 4.58
N ARG B 30 8.52 -20.71 3.85
CA ARG B 30 7.75 -19.54 4.28
C ARG B 30 6.27 -19.88 4.45
N GLY B 31 5.76 -20.69 3.51
CA GLY B 31 4.39 -21.16 3.53
C GLY B 31 4.00 -21.80 4.85
N THR B 32 4.92 -22.59 5.43
CA THR B 32 4.65 -23.36 6.64
C THR B 32 5.04 -22.62 7.93
N GLU B 33 6.18 -21.92 7.90
CA GLU B 33 6.82 -21.36 9.09
C GLU B 33 7.42 -19.98 8.84
N ALA B 34 7.32 -19.11 9.84
CA ALA B 34 7.93 -17.79 9.84
C ALA B 34 9.44 -17.91 10.06
N VAL B 35 9.81 -18.80 10.99
CA VAL B 35 11.19 -19.06 11.39
C VAL B 35 11.41 -20.56 11.37
N GLY B 36 12.66 -20.98 11.13
CA GLY B 36 13.02 -22.38 11.13
C GLY B 36 14.51 -22.61 11.27
N GLU B 37 14.87 -23.87 11.54
CA GLU B 37 16.26 -24.29 11.60
C GLU B 37 16.67 -24.74 10.21
N SER B 38 17.98 -24.67 9.92
CA SER B 38 18.52 -25.14 8.66
C SER B 38 19.34 -26.41 8.89
N ARG B 39 19.78 -27.03 7.78
CA ARG B 39 20.63 -28.23 7.81
C ARG B 39 21.84 -28.02 8.72
N GLU B 40 22.61 -26.96 8.43
CA GLU B 40 23.77 -26.56 9.22
C GLU B 40 23.40 -26.49 10.70
N PRO B 41 24.33 -26.82 11.62
CA PRO B 41 23.95 -27.25 12.97
C PRO B 41 23.25 -26.21 13.85
N GLY B 42 23.90 -25.06 14.05
CA GLY B 42 23.42 -24.01 14.94
C GLY B 42 23.04 -22.72 14.22
N VAL B 43 22.24 -22.86 13.17
CA VAL B 43 21.85 -21.77 12.29
C VAL B 43 20.35 -21.78 12.04
N TRP B 44 19.70 -20.63 12.22
CA TRP B 44 18.28 -20.46 11.93
C TRP B 44 18.08 -19.55 10.74
N GLU B 45 16.97 -19.76 10.03
CA GLU B 45 16.57 -18.96 8.88
C GLU B 45 15.26 -18.24 9.20
N VAL B 46 15.12 -17.01 8.69
CA VAL B 46 13.88 -16.24 8.79
C VAL B 46 13.31 -16.03 7.39
N PHE B 47 12.00 -16.31 7.25
CA PHE B 47 11.32 -16.35 5.96
C PHE B 47 10.22 -15.30 5.77
N ARG B 48 9.67 -14.80 6.89
CA ARG B 48 8.56 -13.86 6.85
C ARG B 48 8.96 -12.44 7.24
N TYR B 49 8.20 -11.48 6.71
CA TYR B 49 8.50 -10.05 6.81
C TYR B 49 8.60 -9.53 8.25
N ASP B 50 7.51 -9.69 9.01
CA ASP B 50 7.44 -9.14 10.37
C ASP B 50 8.62 -9.60 11.23
N GLU B 51 9.00 -10.88 11.07
CA GLU B 51 10.07 -11.48 11.86
C GLU B 51 11.44 -10.99 11.39
N ALA B 52 11.58 -10.81 10.08
CA ALA B 52 12.77 -10.18 9.50
C ALA B 52 12.93 -8.79 10.10
N VAL B 53 11.86 -8.00 10.04
CA VAL B 53 11.83 -6.65 10.62
C VAL B 53 12.21 -6.68 12.10
N GLN B 54 11.60 -7.59 12.85
CA GLN B 54 11.84 -7.72 14.28
C GLN B 54 13.31 -7.96 14.56
N VAL B 55 13.90 -8.86 13.77
CA VAL B 55 15.30 -9.25 13.91
C VAL B 55 16.25 -8.06 13.69
N LEU B 56 16.05 -7.33 12.58
CA LEU B 56 16.89 -6.18 12.23
C LEU B 56 16.72 -5.04 13.24
N GLY B 57 15.48 -4.87 13.73
CA GLY B 57 15.18 -3.81 14.68
C GLY B 57 15.83 -4.04 16.03
N ASP B 58 15.81 -5.29 16.50
CA ASP B 58 16.26 -5.67 17.83
C ASP B 58 17.75 -6.03 17.80
N HIS B 59 18.59 -5.01 17.62
CA HIS B 59 20.04 -5.18 17.54
C HIS B 59 20.66 -5.65 18.87
N ARG B 60 19.96 -5.41 19.98
CA ARG B 60 20.36 -5.92 21.29
C ARG B 60 20.42 -7.43 21.29
N THR B 61 19.30 -8.07 20.89
CA THR B 61 19.16 -9.52 20.88
C THR B 61 19.89 -10.16 19.71
N PHE B 62 19.77 -9.54 18.52
CA PHE B 62 20.38 -10.04 17.29
C PHE B 62 21.54 -9.13 16.87
N SER B 63 22.77 -9.53 17.25
CA SER B 63 23.97 -8.71 17.05
C SER B 63 24.51 -8.79 15.63
N SER B 64 25.26 -7.75 15.25
CA SER B 64 25.97 -7.68 13.97
C SER B 64 27.44 -8.05 14.13
N ASP B 65 27.88 -8.13 15.40
CA ASP B 65 29.24 -8.50 15.78
C ASP B 65 29.32 -10.02 15.97
N MET B 66 29.86 -10.69 14.94
CA MET B 66 29.94 -12.16 14.92
C MET B 66 30.89 -12.75 15.96
N ASN B 67 31.74 -11.91 16.54
CA ASN B 67 32.62 -12.28 17.63
C ASN B 67 32.13 -11.68 18.95
N HIS B 68 30.83 -11.80 19.21
CA HIS B 68 30.20 -11.29 20.43
C HIS B 68 30.65 -12.09 21.66
N PHE B 69 30.76 -13.42 21.49
CA PHE B 69 31.03 -14.35 22.58
C PHE B 69 32.51 -14.62 22.84
N ILE B 70 33.34 -14.40 21.82
CA ILE B 70 34.80 -14.47 21.94
C ILE B 70 35.25 -13.68 23.17
N PRO B 71 36.01 -14.29 24.11
CA PRO B 71 36.46 -13.58 25.31
C PRO B 71 37.23 -12.28 25.02
N GLU B 72 37.03 -11.27 25.88
CA GLU B 72 37.67 -9.95 25.73
C GLU B 72 39.21 -10.04 25.66
N GLU B 73 39.78 -11.10 26.26
CA GLU B 73 41.22 -11.40 26.17
C GLU B 73 41.66 -11.83 24.77
N GLN B 74 40.88 -12.72 24.15
CA GLN B 74 41.18 -13.26 22.82
C GLN B 74 40.48 -12.47 21.71
N ARG B 75 40.41 -11.15 21.89
CA ARG B 75 39.54 -10.27 21.12
C ARG B 75 40.26 -9.46 20.03
N GLN B 76 41.50 -9.05 20.32
CA GLN B 76 42.25 -8.09 19.49
C GLN B 76 42.28 -8.34 17.97
N LEU B 77 42.25 -9.62 17.56
CA LEU B 77 42.24 -10.02 16.14
C LEU B 77 40.88 -10.51 15.64
N ALA B 78 39.89 -10.48 16.52
CA ALA B 78 38.50 -10.81 16.11
C ALA B 78 37.76 -9.47 16.12
N ARG B 79 38.36 -8.46 16.75
CA ARG B 79 37.77 -7.10 16.83
C ARG B 79 37.72 -6.51 15.42
N ALA B 80 36.67 -5.73 15.11
CA ALA B 80 36.55 -5.11 13.77
C ALA B 80 37.62 -4.04 13.57
N ALA B 81 38.07 -3.86 12.33
CA ALA B 81 39.11 -2.88 12.01
C ALA B 81 38.63 -1.43 12.12
N ARG B 82 39.54 -0.54 12.52
CA ARG B 82 39.25 0.87 12.80
C ARG B 82 38.58 1.55 11.62
N GLY B 83 37.36 2.06 11.85
CA GLY B 83 36.57 2.74 10.84
C GLY B 83 35.38 1.93 10.32
N ASN B 84 35.50 0.60 10.35
CA ASN B 84 34.43 -0.30 9.94
C ASN B 84 33.41 -0.48 11.05
N PHE B 85 32.19 0.03 10.84
CA PHE B 85 31.12 -0.08 11.82
C PHE B 85 29.96 -0.97 11.38
N VAL B 86 30.12 -1.67 10.25
CA VAL B 86 29.07 -2.58 9.75
C VAL B 86 28.97 -3.84 10.62
N GLY B 87 30.12 -4.25 11.18
CA GLY B 87 30.21 -5.45 11.99
C GLY B 87 30.32 -5.20 13.49
N ILE B 88 29.88 -4.02 13.93
CA ILE B 88 29.94 -3.68 15.37
C ILE B 88 28.55 -3.32 15.87
N ASP B 89 28.40 -3.12 17.19
CA ASP B 89 27.08 -2.84 17.80
C ASP B 89 27.18 -1.56 18.62
N PRO B 90 26.05 -0.89 18.94
CA PRO B 90 26.08 0.29 19.81
C PRO B 90 26.65 -0.08 21.19
N PRO B 91 27.42 0.80 21.86
CA PRO B 91 27.51 2.22 21.50
C PRO B 91 28.62 2.61 20.52
N ASP B 92 29.49 1.66 20.15
CA ASP B 92 30.64 1.97 19.26
C ASP B 92 30.11 2.34 17.87
N HIS B 93 29.05 1.67 17.41
CA HIS B 93 28.46 1.96 16.08
C HIS B 93 27.87 3.36 16.03
N THR B 94 27.19 3.79 17.10
CA THR B 94 26.48 5.10 17.09
C THR B 94 27.47 6.25 16.84
N GLN B 95 28.61 6.26 17.53
CA GLN B 95 29.56 7.40 17.43
C GLN B 95 30.19 7.45 16.03
N LEU B 96 30.57 6.29 15.48
CA LEU B 96 31.27 6.26 14.17
C LEU B 96 30.29 6.59 13.04
N ARG B 97 29.10 6.00 13.08
CA ARG B 97 28.10 6.24 12.05
C ARG B 97 27.61 7.68 12.14
N GLY B 98 27.51 8.21 13.36
CA GLY B 98 27.11 9.58 13.61
C GLY B 98 27.97 10.57 12.85
N LEU B 99 29.28 10.37 12.90
CA LEU B 99 30.25 11.21 12.21
C LEU B 99 30.16 11.06 10.69
N VAL B 100 30.17 9.81 10.22
CA VAL B 100 30.12 9.52 8.79
C VAL B 100 28.83 10.06 8.19
N SER B 101 27.72 9.90 8.90
CA SER B 101 26.40 10.32 8.45
C SER B 101 26.31 11.84 8.29
N GLN B 102 26.81 12.57 9.30
CA GLN B 102 26.88 14.04 9.27
C GLN B 102 27.65 14.54 8.05
N ALA B 103 28.80 13.92 7.77
CA ALA B 103 29.66 14.27 6.65
C ALA B 103 29.01 13.93 5.31
N PHE B 104 28.40 12.75 5.25
CA PHE B 104 27.79 12.24 4.02
C PHE B 104 26.33 12.67 3.94
N SER B 105 26.13 14.00 3.85
CA SER B 105 24.81 14.61 3.81
C SER B 105 24.18 14.38 2.44
N PRO B 106 22.83 14.49 2.31
CA PRO B 106 22.17 14.20 1.03
C PRO B 106 22.68 15.05 -0.13
N ARG B 107 23.16 16.27 0.14
CA ARG B 107 23.74 17.19 -0.85
C ARG B 107 25.00 16.65 -1.55
N VAL B 108 25.78 15.83 -0.81
CA VAL B 108 26.98 15.20 -1.31
C VAL B 108 26.62 14.18 -2.41
N THR B 109 25.56 13.40 -2.14
CA THR B 109 25.03 12.43 -3.10
C THR B 109 24.41 13.14 -4.30
N ALA B 110 23.58 14.14 -4.03
CA ALA B 110 22.86 14.88 -5.05
C ALA B 110 23.80 15.51 -6.08
N ALA B 111 24.89 16.11 -5.60
CA ALA B 111 25.85 16.84 -6.42
C ALA B 111 26.56 15.98 -7.48
N LEU B 112 26.63 14.67 -7.24
CA LEU B 112 27.27 13.72 -8.14
C LEU B 112 26.48 13.45 -9.43
N GLU B 113 25.19 13.79 -9.44
CA GLU B 113 24.29 13.40 -10.53
C GLU B 113 24.80 13.74 -11.93
N PRO B 114 25.27 14.99 -12.18
CA PRO B 114 25.92 15.32 -13.46
C PRO B 114 27.12 14.45 -13.87
N ARG B 115 28.02 14.15 -12.92
CA ARG B 115 29.21 13.32 -13.17
C ARG B 115 28.86 11.90 -13.53
N ILE B 116 27.93 11.32 -12.76
CA ILE B 116 27.45 9.97 -12.99
C ILE B 116 26.86 9.89 -14.41
N GLY B 117 26.07 10.91 -14.78
CA GLY B 117 25.55 11.08 -16.11
C GLY B 117 26.63 10.98 -17.16
N ARG B 118 27.64 11.85 -17.04
CA ARG B 118 28.76 11.92 -18.00
C ARG B 118 29.56 10.64 -18.04
N LEU B 119 29.77 10.02 -16.87
CA LEU B 119 30.56 8.75 -16.79
C LEU B 119 29.81 7.64 -17.52
N ALA B 120 28.50 7.54 -17.30
CA ALA B 120 27.70 6.46 -17.93
C ALA B 120 27.78 6.61 -19.44
N GLU B 121 27.69 7.85 -19.94
CA GLU B 121 27.81 8.10 -21.40
C GLU B 121 29.19 7.68 -21.89
N GLN B 122 30.24 8.00 -21.13
CA GLN B 122 31.63 7.68 -21.55
C GLN B 122 31.80 6.16 -21.67
N LEU B 123 31.31 5.41 -20.68
CA LEU B 123 31.47 3.93 -20.69
C LEU B 123 30.74 3.37 -21.90
N LEU B 124 29.54 3.88 -22.17
CA LEU B 124 28.72 3.43 -23.33
C LEU B 124 29.40 3.82 -24.66
N ASP B 125 30.09 4.96 -24.70
CA ASP B 125 30.68 5.44 -25.97
C ASP B 125 31.93 4.59 -26.26
N ASP B 126 32.63 4.15 -25.22
CA ASP B 126 33.78 3.24 -25.40
C ASP B 126 33.31 1.91 -26.00
N ILE B 127 32.20 1.36 -25.49
CA ILE B 127 31.65 0.08 -26.03
C ILE B 127 31.18 0.29 -27.46
N VAL B 128 30.47 1.38 -27.73
CA VAL B 128 29.88 1.61 -29.08
C VAL B 128 30.99 1.80 -30.13
N ALA B 129 32.08 2.48 -29.77
CA ALA B 129 33.13 2.78 -30.77
C ALA B 129 33.74 1.48 -31.30
N GLU B 130 34.01 0.53 -30.41
CA GLU B 130 34.69 -0.73 -30.82
C GLU B 130 33.82 -1.58 -31.75
N ARG B 131 32.52 -1.73 -31.46
CA ARG B 131 31.71 -2.68 -32.29
C ARG B 131 30.61 -1.98 -33.09
N GLY B 132 30.55 -0.66 -33.10
CA GLY B 132 29.56 0.02 -33.97
C GLY B 132 28.15 -0.01 -33.43
N ASP B 133 27.15 0.22 -34.30
CA ASP B 133 25.72 0.29 -33.87
C ASP B 133 25.25 -1.02 -33.24
N LYS B 134 25.70 -2.17 -33.72
CA LYS B 134 25.34 -3.44 -33.10
C LYS B 134 26.55 -3.92 -32.32
N ALA B 135 26.58 -3.60 -31.02
CA ALA B 135 27.74 -3.86 -30.18
C ALA B 135 27.41 -4.84 -29.05
N SER B 136 28.05 -6.02 -29.10
CA SER B 136 27.98 -6.98 -28.00
C SER B 136 29.00 -6.61 -26.93
N CYS B 137 28.62 -6.79 -25.66
CA CYS B 137 29.52 -6.39 -24.54
C CYS B 137 29.13 -7.11 -23.25
N ASP B 138 29.90 -6.92 -22.18
CA ASP B 138 29.52 -7.47 -20.86
C ASP B 138 28.96 -6.28 -20.09
N LEU B 139 27.67 -6.27 -19.80
CA LEU B 139 27.06 -5.07 -19.15
C LEU B 139 27.66 -4.88 -17.75
N VAL B 140 27.84 -5.95 -16.99
CA VAL B 140 28.50 -5.81 -15.65
C VAL B 140 29.97 -5.42 -15.83
N GLY B 141 30.69 -6.10 -16.71
CA GLY B 141 32.14 -5.86 -16.87
C GLY B 141 32.49 -4.53 -17.49
N GLU B 142 31.76 -4.10 -18.51
CA GLU B 142 32.14 -2.86 -19.24
C GLU B 142 31.28 -1.66 -18.83
N PHE B 143 30.27 -1.85 -17.98
CA PHE B 143 29.37 -0.71 -17.66
C PHE B 143 29.01 -0.64 -16.17
N ALA B 144 28.22 -1.58 -15.67
CA ALA B 144 27.71 -1.50 -14.27
C ALA B 144 28.83 -1.56 -13.24
N GLY B 145 29.77 -2.50 -13.39
CA GLY B 145 30.88 -2.63 -12.43
C GLY B 145 31.82 -1.42 -12.43
N PRO B 146 32.29 -0.91 -13.59
CA PRO B 146 33.09 0.31 -13.60
C PRO B 146 32.29 1.49 -13.03
N LEU B 147 31.02 1.60 -13.39
CA LEU B 147 30.18 2.73 -12.92
C LEU B 147 30.09 2.67 -11.39
N SER B 148 30.01 1.49 -10.79
CA SER B 148 29.78 1.39 -9.33
C SER B 148 31.06 1.75 -8.59
N ALA B 149 32.19 1.30 -9.11
CA ALA B 149 33.52 1.56 -8.52
C ALA B 149 33.91 3.04 -8.67
N ILE B 150 33.70 3.61 -9.85
CA ILE B 150 34.11 4.98 -10.15
C ILE B 150 33.18 6.02 -9.50
N VAL B 151 31.88 5.70 -9.42
CA VAL B 151 30.95 6.53 -8.67
C VAL B 151 31.43 6.67 -7.22
N ILE B 152 31.72 5.53 -6.58
CA ILE B 152 32.21 5.55 -5.19
C ILE B 152 33.57 6.29 -5.12
N ALA B 153 34.40 6.11 -6.16
CA ALA B 153 35.66 6.83 -6.30
C ALA B 153 35.42 8.33 -6.36
N GLU B 154 34.45 8.75 -7.19
CA GLU B 154 34.07 10.15 -7.32
C GLU B 154 33.59 10.77 -6.00
N LEU B 155 32.71 10.07 -5.30
CA LEU B 155 32.21 10.48 -3.98
C LEU B 155 33.34 10.95 -3.06
N PHE B 156 34.43 10.17 -3.04
CA PHE B 156 35.58 10.42 -2.17
C PHE B 156 36.63 11.34 -2.76
N GLY B 157 36.46 11.72 -4.04
CA GLY B 157 37.31 12.69 -4.69
C GLY B 157 38.64 12.10 -5.10
N ILE B 158 38.61 10.83 -5.50
CA ILE B 158 39.77 10.13 -6.04
C ILE B 158 40.06 10.74 -7.41
N PRO B 159 41.31 11.17 -7.69
CA PRO B 159 41.63 11.78 -8.98
C PRO B 159 41.16 10.98 -10.18
N GLU B 160 40.85 11.71 -11.26
CA GLU B 160 40.31 11.18 -12.50
C GLU B 160 41.24 10.13 -13.07
N SER B 161 42.55 10.41 -13.02
CA SER B 161 43.61 9.50 -13.49
C SER B 161 43.53 8.09 -12.88
N ASP B 162 43.15 8.02 -11.59
CA ASP B 162 43.17 6.78 -10.84
C ASP B 162 41.87 5.97 -10.90
N HIS B 163 40.90 6.41 -11.71
CA HIS B 163 39.58 5.78 -11.77
C HIS B 163 39.57 4.40 -12.42
N THR B 164 40.29 4.27 -13.54
CA THR B 164 40.41 3.00 -14.24
C THR B 164 41.12 1.97 -13.35
N MET B 165 42.07 2.46 -12.54
CA MET B 165 42.79 1.66 -11.57
C MET B 165 41.86 1.18 -10.44
N ILE B 166 41.10 2.10 -9.86
CA ILE B 166 40.15 1.79 -8.79
C ILE B 166 39.12 0.78 -9.27
N ALA B 167 38.63 0.96 -10.50
CA ALA B 167 37.66 0.05 -11.11
C ALA B 167 38.20 -1.37 -11.23
N GLU B 168 39.49 -1.48 -11.59
CA GLU B 168 40.20 -2.74 -11.71
C GLU B 168 40.49 -3.37 -10.35
N TRP B 169 40.88 -2.53 -9.39
CA TRP B 169 41.11 -2.96 -8.01
C TRP B 169 39.86 -3.61 -7.40
N ALA B 170 38.70 -3.01 -7.66
CA ALA B 170 37.41 -3.48 -7.15
C ALA B 170 36.99 -4.79 -7.80
N LYS B 171 37.21 -4.90 -9.11
CA LYS B 171 36.94 -6.14 -9.86
C LYS B 171 37.79 -7.30 -9.32
N ALA B 172 39.04 -7.00 -8.97
CA ALA B 172 39.98 -7.99 -8.45
C ALA B 172 39.53 -8.51 -7.09
N LEU B 173 39.41 -7.60 -6.11
CA LEU B 173 39.03 -7.96 -4.74
C LEU B 173 37.62 -8.58 -4.65
N LEU B 174 36.68 -8.06 -5.45
CA LEU B 174 35.24 -8.34 -5.28
C LEU B 174 34.60 -8.93 -6.55
N GLY B 175 34.40 -10.26 -6.54
CA GLY B 175 33.77 -10.97 -7.64
C GLY B 175 33.77 -12.49 -7.45
N ALA B 189 45.79 -17.81 -3.73
CA ALA B 189 44.45 -17.33 -3.44
C ALA B 189 44.48 -16.16 -2.46
N MET B 190 44.91 -16.42 -1.22
CA MET B 190 44.79 -15.47 -0.12
C MET B 190 45.80 -14.33 -0.13
N GLN B 191 47.08 -14.63 -0.41
CA GLN B 191 48.18 -13.66 -0.26
C GLN B 191 47.93 -12.34 -1.00
N ASN B 192 47.37 -12.42 -2.21
CA ASN B 192 47.03 -11.22 -2.97
C ASN B 192 45.84 -10.45 -2.37
N THR B 193 44.84 -11.16 -1.86
CA THR B 193 43.72 -10.54 -1.16
C THR B 193 44.23 -9.67 0.01
N ALA B 194 45.20 -10.21 0.76
CA ALA B 194 45.89 -9.48 1.83
C ALA B 194 46.61 -8.25 1.28
N ASP B 195 47.26 -8.41 0.13
CA ASP B 195 47.99 -7.34 -0.56
C ASP B 195 47.10 -6.22 -1.06
N LEU B 196 46.02 -6.58 -1.77
CA LEU B 196 45.04 -5.62 -2.26
C LEU B 196 44.49 -4.77 -1.12
N VAL B 197 44.18 -5.41 0.00
CA VAL B 197 43.70 -4.71 1.19
C VAL B 197 44.78 -3.79 1.77
N ARG B 198 46.01 -4.30 1.90
CA ARG B 198 47.10 -3.54 2.48
C ARG B 198 47.53 -2.35 1.62
N ARG B 199 47.60 -2.55 0.29
CA ARG B 199 47.98 -1.49 -0.64
C ARG B 199 46.92 -0.39 -0.76
N ALA B 200 45.64 -0.80 -0.77
CA ALA B 200 44.52 0.13 -0.71
C ALA B 200 44.68 1.03 0.51
N GLY B 201 45.00 0.41 1.65
CA GLY B 201 45.34 1.12 2.88
C GLY B 201 46.39 2.20 2.69
N GLU B 202 47.51 1.83 2.03
CA GLU B 202 48.61 2.76 1.79
C GLU B 202 48.16 3.93 0.91
N TYR B 203 47.46 3.58 -0.19
CA TYR B 203 46.91 4.54 -1.14
C TYR B 203 45.96 5.56 -0.49
N LEU B 204 45.00 5.06 0.30
CA LEU B 204 43.97 5.89 0.91
C LEU B 204 44.55 6.83 2.00
N VAL B 205 45.59 6.36 2.70
CA VAL B 205 46.31 7.19 3.67
C VAL B 205 46.91 8.40 2.98
N HIS B 206 47.52 8.18 1.82
CA HIS B 206 48.10 9.25 1.01
C HIS B 206 47.02 10.21 0.53
N HIS B 207 45.89 9.65 0.08
CA HIS B 207 44.74 10.43 -0.35
C HIS B 207 44.21 11.29 0.80
N ILE B 208 44.09 10.69 1.99
CA ILE B 208 43.55 11.37 3.15
C ILE B 208 44.44 12.53 3.62
N THR B 209 45.74 12.27 3.78
CA THR B 209 46.68 13.29 4.23
C THR B 209 46.74 14.43 3.20
N GLU B 210 46.60 14.08 1.92
CA GLU B 210 46.55 15.05 0.82
C GLU B 210 45.33 15.95 0.91
N ARG B 211 44.17 15.34 1.17
CA ARG B 211 42.90 16.06 1.25
C ARG B 211 42.70 16.77 2.58
N ARG B 212 43.42 16.32 3.61
CA ARG B 212 43.46 17.00 4.89
C ARG B 212 44.29 18.29 4.75
N ALA B 213 45.43 18.20 4.06
CA ALA B 213 46.32 19.32 3.80
C ALA B 213 45.69 20.35 2.84
N ARG B 214 45.22 19.87 1.68
CA ARG B 214 44.53 20.68 0.68
C ARG B 214 43.14 20.11 0.40
N PRO B 215 42.12 20.51 1.18
CA PRO B 215 40.75 20.02 0.96
C PRO B 215 40.09 20.48 -0.34
N GLN B 216 39.13 19.66 -0.80
CA GLN B 216 38.28 19.91 -1.97
C GLN B 216 36.87 19.44 -1.65
N ASP B 217 35.91 19.80 -2.50
CA ASP B 217 34.51 19.40 -2.33
C ASP B 217 34.34 17.90 -2.62
N ASP B 218 34.69 17.07 -1.63
CA ASP B 218 34.50 15.62 -1.69
C ASP B 218 34.34 15.07 -0.28
N LEU B 219 33.85 13.81 -0.21
CA LEU B 219 33.53 13.20 1.08
C LEU B 219 34.77 12.96 1.96
N THR B 220 35.94 12.71 1.33
CA THR B 220 37.19 12.48 2.06
C THR B 220 37.57 13.71 2.90
N SER B 221 37.51 14.88 2.27
CA SER B 221 37.77 16.17 2.92
C SER B 221 36.75 16.50 4.02
N ARG B 222 35.48 16.14 3.78
CA ARG B 222 34.38 16.36 4.72
C ARG B 222 34.54 15.47 5.95
N LEU B 223 34.87 14.20 5.71
CA LEU B 223 35.14 13.26 6.79
C LEU B 223 36.27 13.79 7.66
N ALA B 224 37.29 14.37 7.02
CA ALA B 224 38.45 14.93 7.73
C ALA B 224 38.16 16.20 8.54
N THR B 225 37.07 16.91 8.22
CA THR B 225 36.76 18.20 8.85
C THR B 225 35.48 18.29 9.68
N THR B 226 34.70 17.20 9.75
CA THR B 226 33.44 17.23 10.53
C THR B 226 33.66 16.89 11.99
N GLU B 227 32.98 17.65 12.85
CA GLU B 227 32.86 17.40 14.28
C GLU B 227 31.45 16.99 14.62
N VAL B 228 31.30 16.11 15.61
CA VAL B 228 29.98 15.80 16.19
C VAL B 228 30.12 15.74 17.70
N ASP B 229 29.58 16.76 18.36
CA ASP B 229 29.65 16.92 19.80
C ASP B 229 31.08 16.71 20.29
N GLY B 230 31.99 17.49 19.71
CA GLY B 230 33.38 17.55 20.12
C GLY B 230 34.29 16.43 19.66
N LYS B 231 33.76 15.50 18.85
CA LYS B 231 34.51 14.32 18.39
C LYS B 231 34.77 14.38 16.89
N ARG B 232 35.88 13.74 16.48
CA ARG B 232 36.34 13.73 15.09
C ARG B 232 36.74 12.33 14.68
N LEU B 233 36.98 12.16 13.38
CA LEU B 233 37.53 10.95 12.81
C LEU B 233 39.02 11.16 12.56
N ASP B 234 39.84 10.19 12.99
CA ASP B 234 41.27 10.21 12.68
C ASP B 234 41.54 9.50 11.34
N ASP B 235 42.76 9.70 10.82
CA ASP B 235 43.15 9.23 9.50
C ASP B 235 42.90 7.74 9.32
N GLU B 236 43.17 6.95 10.37
CA GLU B 236 43.06 5.49 10.27
C GLU B 236 41.61 5.00 10.27
N GLU B 237 40.72 5.75 10.94
CA GLU B 237 39.27 5.51 10.91
C GLU B 237 38.67 5.85 9.55
N ILE B 238 39.12 6.96 8.97
CA ILE B 238 38.68 7.41 7.66
C ILE B 238 39.03 6.34 6.61
N VAL B 239 40.23 5.78 6.70
CA VAL B 239 40.68 4.71 5.81
C VAL B 239 39.69 3.53 5.82
N GLY B 240 39.26 3.15 7.04
CA GLY B 240 38.30 2.08 7.24
C GLY B 240 36.94 2.40 6.66
N VAL B 241 36.49 3.66 6.84
CA VAL B 241 35.23 4.14 6.29
C VAL B 241 35.23 4.08 4.75
N ILE B 242 36.26 4.67 4.13
CA ILE B 242 36.40 4.66 2.67
C ILE B 242 36.40 3.20 2.18
N GLY B 243 37.22 2.37 2.81
CA GLY B 243 37.33 0.96 2.49
C GLY B 243 36.02 0.20 2.66
N MET B 244 35.29 0.52 3.74
CA MET B 244 33.98 -0.07 4.04
C MET B 244 32.94 0.28 2.98
N PHE B 245 32.96 1.54 2.53
CA PHE B 245 32.08 2.03 1.48
C PHE B 245 32.29 1.27 0.17
N LEU B 246 33.56 1.10 -0.22
CA LEU B 246 33.89 0.38 -1.46
C LEU B 246 33.44 -1.06 -1.42
N ILE B 247 33.71 -1.73 -0.28
CA ILE B 247 33.44 -3.16 -0.11
C ILE B 247 31.95 -3.43 -0.01
N ALA B 248 31.25 -2.61 0.77
CA ALA B 248 29.80 -2.72 0.94
C ALA B 248 29.02 -2.30 -0.31
N GLY B 249 29.54 -1.29 -1.03
CA GLY B 249 28.81 -0.60 -2.07
C GLY B 249 28.97 -1.03 -3.52
N TYR B 250 30.14 -1.59 -3.85
CA TYR B 250 30.50 -1.88 -5.24
C TYR B 250 29.63 -2.93 -5.92
N LEU B 251 29.68 -4.16 -5.42
CA LEU B 251 28.98 -5.27 -6.05
C LEU B 251 27.48 -5.00 -6.10
N PRO B 252 26.80 -4.74 -4.95
CA PRO B 252 25.35 -4.55 -4.94
C PRO B 252 24.84 -3.48 -5.91
N ALA B 253 25.52 -2.34 -5.97
CA ALA B 253 25.12 -1.25 -6.88
C ALA B 253 25.17 -1.68 -8.34
N SER B 254 26.25 -2.39 -8.72
CA SER B 254 26.40 -2.92 -10.08
C SER B 254 25.31 -3.96 -10.37
N VAL B 255 25.03 -4.80 -9.38
CA VAL B 255 24.00 -5.83 -9.49
C VAL B 255 22.60 -5.18 -9.58
N LEU B 256 22.36 -4.11 -8.84
CA LEU B 256 21.06 -3.38 -8.93
C LEU B 256 20.88 -2.87 -10.36
N THR B 257 21.92 -2.27 -10.93
CA THR B 257 21.84 -1.69 -12.29
C THR B 257 21.53 -2.81 -13.30
N ALA B 258 22.15 -3.99 -13.13
CA ALA B 258 21.97 -5.06 -14.12
C ALA B 258 20.67 -5.82 -13.84
N ASN B 259 20.36 -6.07 -12.58
CA ASN B 259 19.06 -6.68 -12.25
C ASN B 259 17.85 -5.90 -12.75
N THR B 260 17.98 -4.57 -12.81
CA THR B 260 16.94 -3.70 -13.34
C THR B 260 16.81 -3.92 -14.85
N VAL B 261 17.97 -3.87 -15.54
CA VAL B 261 18.05 -4.15 -16.98
C VAL B 261 17.44 -5.53 -17.30
N MET B 262 17.80 -6.53 -16.49
CA MET B 262 17.36 -7.90 -16.70
C MET B 262 15.88 -8.08 -16.39
N ALA B 263 15.42 -7.48 -15.28
CA ALA B 263 14.03 -7.60 -14.84
C ALA B 263 13.06 -6.93 -15.82
N LEU B 264 13.46 -5.79 -16.37
CA LEU B 264 12.70 -5.09 -17.42
C LEU B 264 12.73 -5.85 -18.75
N ASP B 265 13.88 -6.45 -19.07
CA ASP B 265 14.04 -7.30 -20.24
C ASP B 265 13.09 -8.50 -20.18
N GLU B 266 12.98 -9.09 -19.00
CA GLU B 266 12.10 -10.25 -18.76
C GLU B 266 10.61 -9.89 -18.64
N HIS B 267 10.29 -8.61 -18.86
CA HIS B 267 8.92 -8.09 -18.76
C HIS B 267 8.70 -7.01 -19.82
N PRO B 268 8.49 -7.41 -21.10
CA PRO B 268 8.41 -6.45 -22.21
C PRO B 268 7.43 -5.28 -22.02
N ALA B 269 6.31 -5.51 -21.34
CA ALA B 269 5.29 -4.49 -21.12
C ALA B 269 5.81 -3.41 -20.19
N ALA B 270 6.36 -3.83 -19.04
CA ALA B 270 7.01 -2.93 -18.10
C ALA B 270 8.05 -2.10 -18.83
N LEU B 271 8.92 -2.78 -19.58
CA LEU B 271 9.98 -2.14 -20.37
C LEU B 271 9.44 -1.06 -21.29
N ALA B 272 8.34 -1.37 -21.98
CA ALA B 272 7.73 -0.43 -22.91
C ALA B 272 7.24 0.82 -22.17
N GLU B 273 6.61 0.59 -21.01
CA GLU B 273 6.10 1.67 -20.18
C GLU B 273 7.21 2.64 -19.78
N VAL B 274 8.36 2.08 -19.36
CA VAL B 274 9.48 2.86 -18.86
C VAL B 274 10.21 3.56 -19.99
N ARG B 275 10.34 2.89 -21.13
CA ARG B 275 10.95 3.51 -22.31
C ARG B 275 10.15 4.74 -22.74
N SER B 276 8.82 4.63 -22.69
CA SER B 276 7.91 5.70 -23.13
C SER B 276 7.74 6.82 -22.09
N ASP B 277 7.86 6.49 -20.80
CA ASP B 277 7.78 7.45 -19.71
C ASP B 277 8.87 7.18 -18.67
N PRO B 278 10.09 7.73 -18.87
CA PRO B 278 11.23 7.42 -17.99
C PRO B 278 11.06 7.86 -16.53
N ALA B 279 10.03 8.67 -16.26
CA ALA B 279 9.66 9.06 -14.90
C ALA B 279 9.29 7.84 -14.05
N LEU B 280 8.85 6.77 -14.70
CA LEU B 280 8.49 5.50 -14.05
C LEU B 280 9.66 4.70 -13.50
N LEU B 281 10.88 5.06 -13.87
CA LEU B 281 12.06 4.25 -13.63
C LEU B 281 12.42 4.07 -12.15
N PRO B 282 12.42 5.12 -11.32
CA PRO B 282 12.71 4.97 -9.89
C PRO B 282 11.76 4.00 -9.20
N GLY B 283 10.48 4.02 -9.59
CA GLY B 283 9.48 3.09 -9.09
C GLY B 283 9.80 1.67 -9.49
N ALA B 284 10.24 1.50 -10.74
CA ALA B 284 10.67 0.21 -11.27
C ALA B 284 11.88 -0.33 -10.49
N ILE B 285 12.82 0.55 -10.17
CA ILE B 285 14.01 0.20 -9.41
C ILE B 285 13.64 -0.29 -8.01
N GLU B 286 12.72 0.41 -7.35
CA GLU B 286 12.22 -0.01 -6.04
C GLU B 286 11.60 -1.39 -6.11
N GLU B 287 10.93 -1.70 -7.22
CA GLU B 287 10.30 -3.00 -7.41
C GLU B 287 11.38 -4.07 -7.60
N VAL B 288 12.42 -3.73 -8.38
CA VAL B 288 13.56 -4.62 -8.60
C VAL B 288 14.21 -4.98 -7.25
N LEU B 289 14.44 -3.97 -6.42
CA LEU B 289 14.98 -4.16 -5.07
C LEU B 289 14.17 -5.13 -4.21
N ARG B 290 12.85 -5.16 -4.43
CA ARG B 290 11.94 -6.08 -3.72
C ARG B 290 11.96 -7.47 -4.35
N TRP B 291 11.83 -7.50 -5.68
CA TRP B 291 11.52 -8.71 -6.43
C TRP B 291 12.76 -9.50 -6.88
N ARG B 292 13.88 -8.81 -7.08
CA ARG B 292 15.19 -9.44 -7.27
C ARG B 292 16.28 -8.64 -6.56
N PRO B 293 16.28 -8.63 -5.21
CA PRO B 293 17.27 -7.86 -4.45
C PRO B 293 18.70 -8.32 -4.70
N PRO B 294 19.65 -7.40 -4.99
CA PRO B 294 21.06 -7.75 -5.10
C PRO B 294 21.58 -8.57 -3.90
N LEU B 295 21.40 -8.04 -2.69
CA LEU B 295 21.72 -8.76 -1.47
C LEU B 295 20.45 -9.40 -0.98
N VAL B 296 20.51 -10.73 -0.85
CA VAL B 296 19.36 -11.61 -0.68
C VAL B 296 19.15 -12.05 0.79
N ARG B 297 20.23 -12.03 1.58
CA ARG B 297 20.16 -12.26 3.02
C ARG B 297 20.98 -11.24 3.82
N ASP B 298 20.71 -11.20 5.13
CA ASP B 298 21.36 -10.31 6.08
C ASP B 298 21.49 -11.15 7.34
N GLN B 299 22.70 -11.19 7.92
CA GLN B 299 23.00 -12.12 9.01
C GLN B 299 23.21 -11.44 10.34
N ARG B 300 22.73 -12.11 11.40
CA ARG B 300 22.87 -11.66 12.78
C ARG B 300 23.26 -12.85 13.67
N LEU B 301 23.62 -12.54 14.92
CA LEU B 301 24.03 -13.51 15.92
C LEU B 301 23.30 -13.20 17.22
N THR B 302 22.53 -14.17 17.72
CA THR B 302 21.77 -14.02 18.95
C THR B 302 22.71 -13.90 20.14
N THR B 303 22.49 -12.86 20.96
CA THR B 303 23.28 -12.60 22.16
C THR B 303 22.66 -13.28 23.38
N ARG B 304 21.41 -13.75 23.22
CA ARG B 304 20.65 -14.41 24.27
C ARG B 304 19.58 -15.29 23.64
N ASP B 305 18.88 -16.06 24.48
CA ASP B 305 17.76 -16.89 24.03
C ASP B 305 16.66 -15.96 23.53
N ALA B 306 16.20 -16.17 22.29
CA ALA B 306 15.35 -15.22 21.59
C ALA B 306 14.06 -15.82 21.08
N ASP B 307 12.93 -15.30 21.58
CA ASP B 307 11.59 -15.67 21.12
C ASP B 307 11.31 -14.97 19.79
N LEU B 308 11.11 -15.77 18.73
CA LEU B 308 10.91 -15.28 17.38
C LEU B 308 10.07 -16.26 16.55
N GLY B 309 8.98 -15.76 15.97
CA GLY B 309 8.12 -16.53 15.08
C GLY B 309 7.51 -17.76 15.70
N GLY B 310 7.09 -17.64 16.97
CA GLY B 310 6.52 -18.73 17.75
C GLY B 310 7.52 -19.75 18.25
N ARG B 311 8.82 -19.42 18.13
CA ARG B 311 9.91 -20.35 18.41
C ARG B 311 10.98 -19.63 19.23
N THR B 312 11.77 -20.42 19.96
CA THR B 312 12.87 -19.91 20.76
C THR B 312 14.18 -20.22 20.00
N VAL B 313 14.95 -19.18 19.71
CA VAL B 313 16.27 -19.29 19.09
C VAL B 313 17.30 -19.18 20.21
N PRO B 314 18.16 -20.21 20.41
CA PRO B 314 19.09 -20.22 21.54
C PRO B 314 20.26 -19.25 21.34
N ALA B 315 20.76 -18.71 22.46
CA ALA B 315 21.95 -17.86 22.46
C ALA B 315 23.08 -18.57 21.73
N GLY B 316 23.87 -17.81 20.96
CA GLY B 316 24.98 -18.33 20.17
C GLY B 316 24.63 -18.71 18.74
N SER B 317 23.33 -18.59 18.39
CA SER B 317 22.84 -19.01 17.07
C SER B 317 23.10 -17.97 16.01
N MET B 318 23.57 -18.43 14.85
CA MET B 318 23.61 -17.63 13.63
C MET B 318 22.20 -17.52 13.10
N VAL B 319 21.77 -16.29 12.80
CA VAL B 319 20.47 -16.04 12.19
C VAL B 319 20.69 -15.50 10.78
N CYS B 320 20.00 -16.11 9.83
CA CYS B 320 20.07 -15.77 8.42
C CYS B 320 18.70 -15.24 8.00
N VAL B 321 18.60 -13.91 7.83
CA VAL B 321 17.35 -13.26 7.47
C VAL B 321 17.22 -13.22 5.97
N TRP B 322 16.33 -14.04 5.41
CA TRP B 322 16.08 -14.05 3.97
C TRP B 322 15.23 -12.85 3.57
N LEU B 323 15.91 -11.75 3.23
CA LEU B 323 15.27 -10.55 2.70
C LEU B 323 14.42 -10.89 1.48
N ALA B 324 14.96 -11.77 0.62
CA ALA B 324 14.31 -12.17 -0.62
C ALA B 324 12.98 -12.86 -0.37
N SER B 325 12.90 -13.62 0.73
CA SER B 325 11.69 -14.31 1.15
C SER B 325 10.68 -13.34 1.78
N ALA B 326 11.18 -12.45 2.65
CA ALA B 326 10.38 -11.38 3.28
C ALA B 326 9.63 -10.54 2.26
N HIS B 327 10.27 -10.30 1.10
CA HIS B 327 9.69 -9.52 0.03
C HIS B 327 8.56 -10.24 -0.70
N ARG B 328 8.55 -11.57 -0.63
CA ARG B 328 7.51 -12.39 -1.25
C ARG B 328 6.42 -12.80 -0.27
N ASP B 329 6.50 -12.31 0.97
CA ASP B 329 5.52 -12.61 2.01
C ASP B 329 4.18 -11.98 1.64
N PRO B 330 3.13 -12.79 1.38
CA PRO B 330 1.82 -12.24 1.03
C PRO B 330 1.08 -11.51 2.17
N PHE B 331 1.59 -11.64 3.39
CA PHE B 331 1.05 -10.93 4.54
C PHE B 331 1.38 -9.44 4.47
N ARG B 332 2.39 -9.09 3.67
CA ARG B 332 2.94 -7.74 3.56
C ARG B 332 2.80 -7.11 2.19
N PHE B 333 2.89 -7.93 1.13
CA PHE B 333 2.77 -7.48 -0.24
C PHE B 333 1.67 -8.24 -0.97
N GLU B 334 0.80 -7.50 -1.67
CA GLU B 334 -0.25 -8.10 -2.48
C GLU B 334 0.39 -8.71 -3.74
N ASN B 335 -0.08 -9.91 -4.11
CA ASN B 335 0.36 -10.59 -5.33
C ASN B 335 1.89 -10.64 -5.34
N PRO B 336 2.53 -11.19 -4.30
CA PRO B 336 3.95 -10.95 -4.02
C PRO B 336 4.90 -11.33 -5.14
N ASP B 337 4.58 -12.41 -5.85
CA ASP B 337 5.46 -12.97 -6.88
C ASP B 337 5.28 -12.33 -8.25
N LEU B 338 4.41 -11.32 -8.34
CA LEU B 338 4.24 -10.52 -9.56
C LEU B 338 5.18 -9.33 -9.54
N PHE B 339 5.94 -9.17 -10.63
CA PHE B 339 6.76 -8.00 -10.86
C PHE B 339 5.86 -6.88 -11.38
N ASP B 340 5.72 -5.82 -10.57
CA ASP B 340 4.79 -4.72 -10.82
C ASP B 340 5.50 -3.38 -10.57
N ILE B 341 5.91 -2.70 -11.65
CA ILE B 341 6.63 -1.43 -11.54
C ILE B 341 5.76 -0.29 -11.00
N HIS B 342 4.45 -0.54 -10.88
CA HIS B 342 3.48 0.43 -10.36
C HIS B 342 3.11 0.20 -8.90
N ARG B 343 3.55 -0.94 -8.36
CA ARG B 343 3.37 -1.31 -6.96
C ARG B 343 4.01 -0.28 -6.05
N ASN B 344 3.46 -0.14 -4.84
CA ASN B 344 4.14 0.51 -3.74
C ASN B 344 5.05 -0.52 -3.07
N ALA B 345 6.34 -0.47 -3.42
CA ALA B 345 7.37 -1.39 -2.90
C ALA B 345 8.10 -0.84 -1.66
N GLY B 346 7.67 0.35 -1.20
CA GLY B 346 8.34 1.12 -0.16
C GLY B 346 8.76 0.39 1.12
N ARG B 347 8.05 -0.69 1.44
CA ARG B 347 8.31 -1.46 2.64
C ARG B 347 9.41 -2.51 2.50
N HIS B 348 10.02 -2.61 1.30
CA HIS B 348 11.10 -3.57 1.07
C HIS B 348 12.29 -3.33 2.02
N LEU B 349 13.06 -4.41 2.26
CA LEU B 349 14.22 -4.42 3.16
C LEU B 349 15.57 -4.57 2.43
N ALA B 350 15.59 -4.33 1.11
CA ALA B 350 16.80 -4.49 0.29
C ALA B 350 18.01 -3.71 0.79
N PHE B 351 17.76 -2.55 1.42
CA PHE B 351 18.78 -1.70 2.02
C PHE B 351 18.85 -1.86 3.54
N GLY B 352 18.20 -2.90 4.05
CA GLY B 352 18.16 -3.21 5.47
C GLY B 352 17.10 -2.43 6.21
N LYS B 353 17.25 -2.37 7.54
CA LYS B 353 16.31 -1.67 8.40
C LYS B 353 16.91 -1.48 9.79
N GLY B 354 16.60 -0.34 10.43
CA GLY B 354 17.11 0.02 11.73
C GLY B 354 18.43 0.78 11.62
N ILE B 355 19.29 0.58 12.63
CA ILE B 355 20.51 1.36 12.81
C ILE B 355 21.58 1.18 11.73
N HIS B 356 21.60 0.01 11.07
CA HIS B 356 22.63 -0.30 10.03
C HIS B 356 22.09 -0.06 8.62
N TYR B 357 20.92 0.57 8.50
CA TYR B 357 20.33 0.91 7.20
C TYR B 357 21.37 1.51 6.27
N CYS B 358 21.37 1.06 5.01
CA CYS B 358 22.39 1.40 4.03
C CYS B 358 22.59 2.90 3.89
N LEU B 359 23.81 3.37 4.16
CA LEU B 359 24.17 4.77 3.98
C LEU B 359 24.29 5.14 2.49
N GLY B 360 24.45 4.14 1.64
CA GLY B 360 24.60 4.35 0.21
C GLY B 360 23.33 4.23 -0.60
N ALA B 361 22.19 4.02 0.09
CA ALA B 361 20.91 3.78 -0.56
C ALA B 361 20.52 4.91 -1.53
N PRO B 362 20.57 6.19 -1.10
CA PRO B 362 20.30 7.30 -2.01
C PRO B 362 21.18 7.29 -3.24
N LEU B 363 22.48 7.07 -3.04
CA LEU B 363 23.45 7.06 -4.14
C LEU B 363 23.21 5.91 -5.12
N ALA B 364 22.87 4.73 -4.58
CA ALA B 364 22.59 3.54 -5.39
C ALA B 364 21.36 3.73 -6.28
N ARG B 365 20.33 4.38 -5.74
CA ARG B 365 19.10 4.68 -6.47
C ARG B 365 19.36 5.67 -7.59
N LEU B 366 20.20 6.66 -7.30
CA LEU B 366 20.63 7.66 -8.26
C LEU B 366 21.51 7.03 -9.35
N GLU B 367 22.49 6.22 -8.92
CA GLU B 367 23.42 5.51 -9.81
C GLU B 367 22.64 4.64 -10.80
N ALA B 368 21.76 3.80 -10.26
CA ALA B 368 20.94 2.87 -11.03
C ALA B 368 20.01 3.57 -12.00
N ARG B 369 19.36 4.65 -11.53
CA ARG B 369 18.41 5.41 -12.35
C ARG B 369 19.11 5.97 -13.59
N ILE B 370 20.25 6.63 -13.38
CA ILE B 370 20.99 7.28 -14.52
C ILE B 370 21.51 6.19 -15.46
N ALA B 371 22.11 5.13 -14.93
CA ALA B 371 22.71 4.08 -15.78
C ALA B 371 21.67 3.44 -16.70
N VAL B 372 20.45 3.18 -16.22
CA VAL B 372 19.42 2.49 -17.05
C VAL B 372 18.75 3.57 -17.90
N GLU B 373 18.56 4.77 -17.34
CA GLU B 373 18.03 5.90 -18.12
C GLU B 373 18.83 6.10 -19.39
N THR B 374 20.16 6.10 -19.26
CA THR B 374 21.09 6.30 -20.41
C THR B 374 21.00 5.12 -21.38
N LEU B 375 21.08 3.88 -20.87
CA LEU B 375 21.09 2.68 -21.75
C LEU B 375 19.83 2.65 -22.62
N LEU B 376 18.67 2.95 -22.05
CA LEU B 376 17.40 2.88 -22.81
C LEU B 376 17.37 4.00 -23.84
N ARG B 377 17.82 5.20 -23.48
CA ARG B 377 17.83 6.32 -24.41
C ARG B 377 18.75 6.09 -25.60
N ARG B 378 19.85 5.37 -25.38
CA ARG B 378 20.88 5.16 -26.40
C ARG B 378 20.74 3.86 -27.20
N PHE B 379 19.99 2.90 -26.67
CA PHE B 379 19.86 1.57 -27.27
C PHE B 379 18.42 1.10 -27.31
N GLU B 380 17.86 1.08 -28.52
CA GLU B 380 16.47 0.71 -28.75
C GLU B 380 16.19 -0.78 -28.59
N ARG B 381 17.24 -1.60 -28.67
CA ARG B 381 17.17 -3.04 -28.38
C ARG B 381 18.34 -3.42 -27.46
N ILE B 382 18.03 -4.18 -26.40
CA ILE B 382 19.03 -4.75 -25.50
C ILE B 382 18.74 -6.24 -25.34
N GLU B 383 19.44 -7.06 -26.14
CA GLU B 383 19.20 -8.51 -26.21
C GLU B 383 20.06 -9.25 -25.19
N ILE B 384 19.40 -10.05 -24.34
CA ILE B 384 20.03 -10.78 -23.24
C ILE B 384 19.70 -12.26 -23.35
N PRO B 385 20.72 -13.15 -23.36
CA PRO B 385 20.48 -14.58 -23.52
C PRO B 385 19.93 -15.28 -22.27
N ARG B 386 19.42 -16.50 -22.46
CA ARG B 386 18.97 -17.38 -21.39
C ARG B 386 19.96 -18.55 -21.18
N ASP B 387 21.17 -18.41 -21.75
CA ASP B 387 22.26 -19.39 -21.71
C ASP B 387 22.93 -19.40 -20.35
N GLU B 388 24.03 -20.16 -20.25
CA GLU B 388 24.97 -20.08 -19.14
C GLU B 388 26.11 -19.09 -19.41
N SER B 389 25.98 -18.31 -20.50
CA SER B 389 26.84 -17.16 -20.77
C SER B 389 26.58 -16.07 -19.74
N VAL B 390 25.33 -16.03 -19.24
CA VAL B 390 24.94 -15.18 -18.12
C VAL B 390 25.39 -15.87 -16.83
N GLU B 391 26.37 -15.26 -16.16
CA GLU B 391 27.04 -15.83 -14.98
C GLU B 391 26.67 -15.04 -13.72
N PHE B 392 25.88 -15.67 -12.84
CA PHE B 392 25.47 -15.07 -11.56
C PHE B 392 26.56 -15.24 -10.52
N HIS B 393 26.66 -14.26 -9.61
CA HIS B 393 27.66 -14.27 -8.54
C HIS B 393 27.46 -15.53 -7.71
N GLU B 394 28.59 -16.16 -7.34
CA GLU B 394 28.64 -17.51 -6.79
C GLU B 394 28.05 -17.65 -5.40
N SER B 395 28.05 -16.57 -4.62
CA SER B 395 27.55 -16.58 -3.24
C SER B 395 26.04 -16.77 -3.21
N ILE B 396 25.58 -17.53 -2.22
CA ILE B 396 24.16 -17.74 -2.00
C ILE B 396 23.48 -16.43 -1.57
N GLY B 397 24.25 -15.56 -0.90
CA GLY B 397 23.78 -14.27 -0.43
C GLY B 397 23.68 -13.16 -1.46
N VAL B 398 24.01 -13.46 -2.72
CA VAL B 398 23.87 -12.52 -3.83
C VAL B 398 22.96 -13.13 -4.88
N LEU B 399 22.21 -12.28 -5.57
CA LEU B 399 21.30 -12.69 -6.64
C LEU B 399 21.36 -11.71 -7.79
N GLY B 400 22.24 -12.01 -8.76
CA GLY B 400 22.42 -11.18 -9.93
C GLY B 400 23.77 -11.45 -10.58
N PRO B 401 24.00 -10.96 -11.82
CA PRO B 401 25.17 -11.35 -12.60
C PRO B 401 26.48 -10.65 -12.22
N VAL B 402 27.60 -11.34 -12.46
CA VAL B 402 28.95 -10.77 -12.46
C VAL B 402 29.56 -10.76 -13.86
N ARG B 403 28.93 -11.51 -14.78
CA ARG B 403 29.25 -11.52 -16.20
C ARG B 403 27.89 -11.58 -16.90
N LEU B 404 27.53 -10.49 -17.59
CA LEU B 404 26.26 -10.37 -18.31
C LEU B 404 26.49 -9.93 -19.75
N PRO B 405 26.68 -10.89 -20.70
CA PRO B 405 26.88 -10.52 -22.09
C PRO B 405 25.56 -10.12 -22.71
N THR B 406 25.54 -8.97 -23.39
CA THR B 406 24.35 -8.46 -24.07
C THR B 406 24.73 -7.98 -25.46
N THR B 407 23.72 -7.65 -26.27
CA THR B 407 23.91 -7.07 -27.59
C THR B 407 23.08 -5.80 -27.70
N LEU B 408 23.77 -4.67 -27.84
CA LEU B 408 23.16 -3.35 -27.84
C LEU B 408 23.00 -2.82 -29.27
N PHE B 409 21.75 -2.62 -29.68
CA PHE B 409 21.44 -2.00 -30.95
C PHE B 409 21.09 -0.53 -30.69
N ALA B 410 21.93 0.38 -31.21
CA ALA B 410 21.75 1.82 -31.01
C ALA B 410 20.49 2.32 -31.72
N ARG B 411 19.77 3.26 -31.10
CA ARG B 411 18.51 3.74 -31.64
C ARG B 411 18.79 4.54 -32.90
N ARG B 412 18.11 4.17 -33.99
CA ARG B 412 18.29 4.84 -35.28
C ARG B 412 17.36 6.04 -35.32
#